data_8FW6
#
_entry.id   8FW6
#
_cell.length_a   118.174
_cell.length_b   118.174
_cell.length_c   94.788
_cell.angle_alpha   90.00
_cell.angle_beta   90.00
_cell.angle_gamma   120.00
#
_symmetry.space_group_name_H-M   'P 31 2 1'
#
loop_
_entity.id
_entity.type
_entity.pdbx_description
1 polymer 'L-lactate dehydrogenase A chain'
2 non-polymer '1,4-DIHYDRONICOTINAMIDE ADENINE DINUCLEOTIDE'
3 non-polymer '(2P)-2-{5-(cyclopropylmethyl)-3-(4-fluorophenyl)-4-[(3-fluoro-4-sulfamoylphenyl)methyl]-1H-pyrazol-1-yl}-1,3-thiazole-4-carboxylic acid'
4 non-polymer 1,2-ETHANEDIOL
5 non-polymer DI(HYDROXYETHYL)ETHER
6 water water
#
_entity_poly.entity_id   1
_entity_poly.type   'polypeptide(L)'
_entity_poly.pdbx_seq_one_letter_code
;MATLKDQLIYNLLKEEQTPQNKITVVGVGAVGMACAISILMKDLADELALVDVIEDKLKGEMMDLQHGSLFLRTPKIVSG
KDYNVTANSKLVIITAGARQQEGESRLNLVQRNVNIFKFIIPNVVKYSPNCKLLIVSNPVDILTYVAWKISGFPKNRVIG
SGCNLDSARFRYLMGERLGVHPLSCHGWVLGEHGDSSVPVWSGMNVAGVSLKTLHPDLGTDKDKEQWKEVHKQVVESAYE
VIKLKGYTSWAIGLSVADLAESIMKNLRRVHPVSTMIKGLYGIKDDVFLSVPCILGQNGISDLVKVTLTSEEEARLKKSA
DTLWGIQKELQFHHHHHH
;
_entity_poly.pdbx_strand_id   A,B
#
loop_
_chem_comp.id
_chem_comp.type
_chem_comp.name
_chem_comp.formula
EDO non-polymer 1,2-ETHANEDIOL 'C2 H6 O2'
NAI non-polymer '1,4-DIHYDRONICOTINAMIDE ADENINE DINUCLEOTIDE' 'C21 H29 N7 O14 P2'
PEG non-polymer DI(HYDROXYETHYL)ETHER 'C4 H10 O3'
YBO non-polymer '(2P)-2-{5-(cyclopropylmethyl)-3-(4-fluorophenyl)-4-[(3-fluoro-4-sulfamoylphenyl)methyl]-1H-pyrazol-1-yl}-1,3-thiazole-4-carboxylic acid' 'C24 H20 F2 N4 O4 S2'
#
# COMPACT_ATOMS: atom_id res chain seq x y z
N ALA A 2 -51.93 12.18 -2.99
CA ALA A 2 -50.90 13.25 -2.98
C ALA A 2 -49.95 13.01 -4.16
N THR A 3 -48.65 13.33 -3.96
CA THR A 3 -47.63 13.26 -5.00
C THR A 3 -47.28 11.80 -5.32
N LEU A 4 -46.64 11.59 -6.50
CA LEU A 4 -46.11 10.30 -6.88
C LEU A 4 -45.08 9.81 -5.85
N LYS A 5 -44.22 10.72 -5.37
CA LYS A 5 -43.27 10.45 -4.28
C LYS A 5 -44.01 9.86 -3.08
N ASP A 6 -45.09 10.52 -2.64
CA ASP A 6 -45.83 10.12 -1.45
C ASP A 6 -46.63 8.84 -1.72
N GLN A 7 -47.03 8.59 -2.98
CA GLN A 7 -47.66 7.32 -3.33
C GLN A 7 -46.65 6.17 -3.32
N LEU A 8 -45.42 6.46 -3.73
CA LEU A 8 -44.37 5.46 -3.82
C LEU A 8 -43.74 5.23 -2.44
N ILE A 9 -43.59 6.31 -1.66
CA ILE A 9 -42.72 6.30 -0.49
C ILE A 9 -43.46 6.75 0.78
N TYR A 10 -43.45 5.90 1.80
CA TYR A 10 -43.85 6.27 3.14
C TYR A 10 -42.63 6.76 3.95
N ASN A 11 -42.70 8.02 4.42
CA ASN A 11 -41.69 8.61 5.28
C ASN A 11 -41.86 8.22 6.76
N LEU A 12 -40.82 7.66 7.38
CA LEU A 12 -40.82 7.36 8.80
C LEU A 12 -40.37 8.59 9.60
N LEU A 13 -39.32 9.22 9.12
CA LEU A 13 -38.41 9.98 9.93
C LEU A 13 -38.19 11.32 9.25
N LYS A 14 -38.54 12.43 9.94
CA LYS A 14 -38.45 13.76 9.35
C LYS A 14 -37.32 14.52 10.06
N GLU A 15 -36.07 14.18 9.68
CA GLU A 15 -34.89 14.60 10.42
C GLU A 15 -33.87 15.26 9.48
N GLU A 16 -33.05 16.15 10.04
CA GLU A 16 -32.16 17.04 9.31
C GLU A 16 -30.99 16.27 8.70
N GLN A 17 -30.28 15.50 9.52
CA GLN A 17 -29.15 14.69 9.07
C GLN A 17 -27.90 15.56 8.99
N THR A 18 -26.97 15.31 9.94
CA THR A 18 -25.69 16.00 9.94
C THR A 18 -24.69 15.16 9.16
N PRO A 19 -23.72 15.75 8.43
CA PRO A 19 -22.81 14.95 7.62
C PRO A 19 -21.79 14.34 8.56
N GLN A 20 -21.35 13.11 8.29
CA GLN A 20 -20.51 12.41 9.26
C GLN A 20 -19.04 12.37 8.80
N ASN A 21 -18.82 12.47 7.49
CA ASN A 21 -17.50 12.26 6.89
C ASN A 21 -17.34 13.26 5.73
N LYS A 22 -17.49 14.54 6.06
CA LYS A 22 -17.57 15.60 5.08
C LYS A 22 -16.19 16.17 4.82
N ILE A 23 -15.91 16.40 3.53
CA ILE A 23 -14.67 17.04 3.08
C ILE A 23 -15.07 18.24 2.21
N THR A 24 -14.31 19.34 2.38
CA THR A 24 -14.43 20.55 1.57
C THR A 24 -13.13 20.77 0.79
N VAL A 25 -13.29 21.12 -0.49
CA VAL A 25 -12.23 21.60 -1.37
C VAL A 25 -12.52 23.07 -1.72
N VAL A 26 -11.59 23.96 -1.35
CA VAL A 26 -11.65 25.37 -1.68
C VAL A 26 -10.66 25.65 -2.83
N GLY A 27 -11.21 26.05 -3.98
CA GLY A 27 -10.43 26.29 -5.18
C GLY A 27 -10.62 25.14 -6.16
N VAL A 28 -11.44 25.35 -7.18
CA VAL A 28 -11.81 24.31 -8.12
C VAL A 28 -11.14 24.55 -9.47
N GLY A 29 -9.86 24.91 -9.43
CA GLY A 29 -9.03 24.83 -10.64
C GLY A 29 -8.66 23.38 -10.93
N ALA A 30 -7.60 23.17 -11.71
CA ALA A 30 -7.27 21.80 -12.08
C ALA A 30 -6.84 20.99 -10.84
N VAL A 31 -6.17 21.61 -9.88
CA VAL A 31 -5.63 20.89 -8.73
C VAL A 31 -6.78 20.49 -7.80
N GLY A 32 -7.65 21.47 -7.51
CA GLY A 32 -8.85 21.25 -6.73
C GLY A 32 -9.75 20.14 -7.29
N MET A 33 -9.97 20.14 -8.59
CA MET A 33 -10.86 19.13 -9.16
C MET A 33 -10.14 17.78 -9.22
N ALA A 34 -8.80 17.77 -9.35
CA ALA A 34 -8.06 16.53 -9.34
C ALA A 34 -8.19 15.90 -7.94
N CYS A 35 -8.06 16.73 -6.90
CA CYS A 35 -8.29 16.32 -5.52
C CYS A 35 -9.72 15.78 -5.35
N ALA A 36 -10.71 16.51 -5.90
CA ALA A 36 -12.10 16.14 -5.75
C ALA A 36 -12.38 14.76 -6.35
N ILE A 37 -11.92 14.52 -7.59
CA ILE A 37 -12.25 13.29 -8.29
C ILE A 37 -11.53 12.11 -7.61
N SER A 38 -10.30 12.35 -7.14
CA SER A 38 -9.52 11.31 -6.49
C SER A 38 -10.18 10.88 -5.16
N ILE A 39 -10.64 11.87 -4.39
CA ILE A 39 -11.37 11.64 -3.16
C ILE A 39 -12.69 10.93 -3.45
N LEU A 40 -13.43 11.38 -4.46
CA LEU A 40 -14.71 10.74 -4.80
C LEU A 40 -14.47 9.27 -5.18
N MET A 41 -13.43 8.97 -5.94
CA MET A 41 -13.21 7.61 -6.41
C MET A 41 -12.50 6.71 -5.41
N LYS A 42 -12.09 7.24 -4.26
CA LYS A 42 -11.64 6.39 -3.16
C LYS A 42 -12.66 6.33 -2.03
N ASP A 43 -13.88 6.84 -2.25
CA ASP A 43 -14.96 6.83 -1.27
C ASP A 43 -14.48 7.32 0.11
N LEU A 44 -13.85 8.49 0.18
CA LEU A 44 -13.35 9.00 1.47
C LEU A 44 -14.36 9.85 2.21
N ALA A 45 -15.42 10.32 1.52
CA ALA A 45 -16.36 11.26 2.11
C ALA A 45 -17.81 10.83 1.86
N ASP A 46 -18.70 11.16 2.79
CA ASP A 46 -20.13 11.03 2.60
C ASP A 46 -20.74 12.33 2.06
N GLU A 47 -20.00 13.45 2.16
CA GLU A 47 -20.38 14.72 1.56
C GLU A 47 -19.11 15.46 1.11
N LEU A 48 -19.18 15.99 -0.12
CA LEU A 48 -18.12 16.83 -0.67
C LEU A 48 -18.70 18.21 -0.95
N ALA A 49 -18.03 19.24 -0.41
CA ALA A 49 -18.39 20.63 -0.63
C ALA A 49 -17.27 21.28 -1.42
N LEU A 50 -17.67 22.09 -2.43
CA LEU A 50 -16.75 22.85 -3.27
C LEU A 50 -16.97 24.35 -3.04
N VAL A 51 -15.88 25.12 -2.98
CA VAL A 51 -15.95 26.57 -2.92
C VAL A 51 -14.99 27.15 -3.96
N ASP A 52 -15.44 28.23 -4.61
CA ASP A 52 -14.58 29.13 -5.39
C ASP A 52 -15.20 30.52 -5.36
N VAL A 53 -14.49 31.51 -5.97
CA VAL A 53 -15.05 32.85 -6.18
C VAL A 53 -15.67 32.96 -7.56
N ILE A 54 -15.25 32.11 -8.51
CA ILE A 54 -15.83 32.08 -9.85
C ILE A 54 -17.08 31.18 -9.82
N GLU A 55 -18.27 31.80 -9.78
CA GLU A 55 -19.52 31.10 -9.54
C GLU A 55 -19.89 30.11 -10.65
N ASP A 56 -19.72 30.51 -11.91
CA ASP A 56 -20.10 29.68 -13.06
C ASP A 56 -19.27 28.40 -13.12
N LYS A 57 -17.95 28.54 -13.02
CA LYS A 57 -17.05 27.42 -13.02
C LYS A 57 -17.38 26.47 -11.86
N LEU A 58 -17.54 27.05 -10.66
CA LEU A 58 -17.90 26.29 -9.48
C LEU A 58 -19.15 25.44 -9.70
N LYS A 59 -20.21 26.09 -10.21
CA LYS A 59 -21.50 25.42 -10.36
C LYS A 59 -21.38 24.34 -11.43
N GLY A 60 -20.68 24.66 -12.53
CA GLY A 60 -20.54 23.71 -13.62
C GLY A 60 -19.76 22.47 -13.22
N GLU A 61 -18.71 22.65 -12.43
CA GLU A 61 -17.90 21.55 -11.94
C GLU A 61 -18.73 20.68 -11.00
N MET A 62 -19.47 21.35 -10.11
CA MET A 62 -20.32 20.64 -9.17
C MET A 62 -21.31 19.77 -9.93
N MET A 63 -21.96 20.34 -10.95
CA MET A 63 -23.00 19.62 -11.69
C MET A 63 -22.41 18.42 -12.44
N ASP A 64 -21.19 18.60 -12.98
CA ASP A 64 -20.52 17.56 -13.74
C ASP A 64 -20.25 16.34 -12.85
N LEU A 65 -19.76 16.58 -11.63
CA LEU A 65 -19.58 15.50 -10.65
C LEU A 65 -20.93 14.87 -10.30
N GLN A 66 -21.94 15.70 -10.01
CA GLN A 66 -23.27 15.22 -9.65
C GLN A 66 -23.83 14.28 -10.71
N HIS A 67 -23.53 14.54 -11.99
CA HIS A 67 -24.06 13.70 -13.06
C HIS A 67 -23.41 12.30 -13.05
N GLY A 68 -22.27 12.16 -12.36
CA GLY A 68 -21.59 10.88 -12.22
C GLY A 68 -21.93 10.14 -10.93
N SER A 69 -22.94 10.61 -10.18
CA SER A 69 -23.34 10.05 -8.88
C SER A 69 -23.63 8.56 -8.94
N LEU A 70 -24.23 8.13 -10.06
CA LEU A 70 -24.57 6.74 -10.25
C LEU A 70 -23.32 5.86 -10.07
N PHE A 71 -22.15 6.43 -10.43
CA PHE A 71 -20.91 5.67 -10.49
C PHE A 71 -20.05 5.87 -9.24
N LEU A 72 -20.58 6.61 -8.26
CA LEU A 72 -19.84 6.98 -7.06
C LEU A 72 -20.61 6.50 -5.84
N ARG A 73 -20.00 6.64 -4.65
CA ARG A 73 -20.64 6.27 -3.39
C ARG A 73 -20.53 7.45 -2.42
N THR A 74 -20.56 8.67 -2.98
CA THR A 74 -20.60 9.89 -2.20
C THR A 74 -21.94 10.55 -2.46
N PRO A 75 -22.93 10.39 -1.55
CA PRO A 75 -24.34 10.69 -1.88
C PRO A 75 -24.67 12.16 -1.97
N LYS A 76 -23.82 13.04 -1.42
CA LYS A 76 -24.09 14.46 -1.37
C LYS A 76 -22.89 15.28 -1.84
N ILE A 77 -23.05 15.97 -2.98
CA ILE A 77 -22.06 16.89 -3.52
C ILE A 77 -22.71 18.26 -3.64
N VAL A 78 -22.12 19.25 -2.97
CA VAL A 78 -22.66 20.61 -2.92
C VAL A 78 -21.55 21.61 -3.27
N SER A 79 -21.97 22.85 -3.56
CA SER A 79 -21.02 23.92 -3.82
C SER A 79 -21.65 25.26 -3.48
N GLY A 80 -20.80 26.26 -3.18
CA GLY A 80 -21.24 27.65 -3.10
C GLY A 80 -20.08 28.62 -2.92
N LYS A 81 -20.36 29.91 -3.14
CA LYS A 81 -19.48 31.02 -2.77
C LYS A 81 -19.51 31.22 -1.25
N ASP A 82 -20.65 30.91 -0.63
CA ASP A 82 -20.87 31.10 0.78
C ASP A 82 -20.38 29.86 1.51
N TYR A 83 -19.67 30.08 2.63
CA TYR A 83 -19.00 29.00 3.34
C TYR A 83 -19.94 28.17 4.21
N ASN A 84 -21.23 28.50 4.24
CA ASN A 84 -22.21 27.72 5.00
C ASN A 84 -22.35 26.34 4.39
N VAL A 85 -22.05 26.20 3.09
CA VAL A 85 -22.04 24.90 2.44
C VAL A 85 -20.92 24.02 2.98
N THR A 86 -19.90 24.58 3.64
CA THR A 86 -18.75 23.84 4.16
C THR A 86 -18.93 23.38 5.61
N ALA A 87 -20.05 23.72 6.23
CA ALA A 87 -20.25 23.55 7.66
C ALA A 87 -20.01 22.10 8.06
N ASN A 88 -19.29 21.89 9.17
CA ASN A 88 -19.10 20.58 9.80
C ASN A 88 -18.26 19.64 8.95
N SER A 89 -17.28 20.22 8.25
CA SER A 89 -16.29 19.42 7.53
C SER A 89 -15.29 18.82 8.51
N LYS A 90 -14.89 17.56 8.31
CA LYS A 90 -13.79 16.99 9.05
C LYS A 90 -12.45 17.46 8.48
N LEU A 91 -12.40 17.61 7.15
CA LEU A 91 -11.18 17.93 6.43
C LEU A 91 -11.49 19.01 5.40
N VAL A 92 -10.71 20.08 5.41
CA VAL A 92 -10.83 21.16 4.43
C VAL A 92 -9.49 21.31 3.73
N ILE A 93 -9.53 21.17 2.39
CA ILE A 93 -8.38 21.17 1.50
C ILE A 93 -8.40 22.48 0.72
N ILE A 94 -7.31 23.25 0.82
CA ILE A 94 -7.21 24.56 0.19
C ILE A 94 -6.27 24.43 -1.02
N THR A 95 -6.84 24.66 -2.21
CA THR A 95 -6.17 24.55 -3.49
C THR A 95 -6.41 25.83 -4.29
N ALA A 96 -6.79 26.89 -3.57
CA ALA A 96 -7.12 28.20 -4.13
C ALA A 96 -5.82 28.97 -4.36
N GLY A 97 -5.76 29.74 -5.46
CA GLY A 97 -4.62 30.61 -5.69
C GLY A 97 -4.81 31.52 -6.90
N ALA A 98 -3.88 32.48 -7.01
CA ALA A 98 -3.85 33.42 -8.12
C ALA A 98 -2.95 32.86 -9.22
N ARG A 99 -2.91 33.57 -10.40
CA ARG A 99 -2.02 33.27 -11.55
C ARG A 99 -1.05 34.43 -11.77
N GLN A 100 0.18 34.08 -11.98
CA GLN A 100 1.22 35.08 -12.15
C GLN A 100 0.92 35.94 -13.38
N GLN A 101 0.96 37.25 -13.19
CA GLN A 101 0.70 38.21 -14.25
C GLN A 101 2.02 38.67 -14.88
N GLU A 102 1.91 39.35 -16.03
CA GLU A 102 3.01 40.01 -16.72
C GLU A 102 3.66 41.07 -15.81
N GLY A 103 4.99 40.96 -15.64
CA GLY A 103 5.77 41.90 -14.85
C GLY A 103 5.67 41.69 -13.34
N GLU A 104 5.12 40.54 -12.92
CA GLU A 104 4.85 40.28 -11.50
C GLU A 104 5.94 39.35 -11.00
N SER A 105 6.59 39.71 -9.89
CA SER A 105 7.53 38.79 -9.24
C SER A 105 6.79 37.62 -8.58
N ARG A 106 7.55 36.57 -8.27
CA ARG A 106 7.02 35.43 -7.53
C ARG A 106 6.60 35.92 -6.14
N LEU A 107 7.39 36.81 -5.53
CA LEU A 107 7.09 37.32 -4.20
C LEU A 107 5.80 38.15 -4.21
N ASN A 108 5.58 38.92 -5.28
CA ASN A 108 4.32 39.65 -5.39
C ASN A 108 3.15 38.67 -5.41
N LEU A 109 3.31 37.57 -6.16
CA LEU A 109 2.30 36.53 -6.29
C LEU A 109 2.05 35.85 -4.94
N VAL A 110 3.14 35.55 -4.21
CA VAL A 110 3.03 35.00 -2.86
C VAL A 110 2.14 35.89 -2.01
N GLN A 111 2.34 37.21 -2.09
CA GLN A 111 1.51 38.10 -1.27
C GLN A 111 0.05 38.07 -1.72
N ARG A 112 -0.20 37.97 -3.02
CA ARG A 112 -1.57 37.87 -3.49
C ARG A 112 -2.22 36.59 -2.96
N ASN A 113 -1.44 35.49 -2.88
CA ASN A 113 -1.94 34.23 -2.35
C ASN A 113 -2.17 34.33 -0.84
N VAL A 114 -1.28 35.03 -0.13
CA VAL A 114 -1.52 35.33 1.27
C VAL A 114 -2.85 36.04 1.45
N ASN A 115 -3.12 37.04 0.61
CA ASN A 115 -4.33 37.82 0.75
C ASN A 115 -5.56 36.95 0.48
N ILE A 116 -5.43 35.98 -0.43
CA ILE A 116 -6.52 35.02 -0.68
C ILE A 116 -6.80 34.23 0.60
N PHE A 117 -5.73 33.81 1.28
CA PHE A 117 -5.86 33.04 2.52
C PHE A 117 -6.48 33.87 3.63
N LYS A 118 -6.20 35.17 3.65
CA LYS A 118 -6.80 36.03 4.66
C LYS A 118 -8.32 36.06 4.53
N PHE A 119 -8.84 35.93 3.31
CA PHE A 119 -10.28 35.85 3.11
C PHE A 119 -10.80 34.42 3.41
N ILE A 120 -10.07 33.38 2.96
CA ILE A 120 -10.58 32.01 3.01
C ILE A 120 -10.59 31.48 4.46
N ILE A 121 -9.45 31.56 5.15
CA ILE A 121 -9.25 30.80 6.38
C ILE A 121 -10.27 31.18 7.47
N PRO A 122 -10.51 32.49 7.76
CA PRO A 122 -11.50 32.83 8.78
C PRO A 122 -12.88 32.23 8.49
N ASN A 123 -13.24 32.14 7.19
CA ASN A 123 -14.54 31.64 6.77
C ASN A 123 -14.64 30.14 7.00
N VAL A 124 -13.56 29.42 6.65
CA VAL A 124 -13.48 27.98 6.86
C VAL A 124 -13.66 27.68 8.36
N VAL A 125 -12.93 28.40 9.21
CA VAL A 125 -12.90 28.23 10.65
C VAL A 125 -14.26 28.50 11.30
N LYS A 126 -14.97 29.54 10.88
CA LYS A 126 -16.30 29.82 11.39
C LYS A 126 -17.20 28.59 11.27
N TYR A 127 -17.19 27.94 10.08
CA TYR A 127 -18.18 26.90 9.77
C TYR A 127 -17.68 25.48 10.07
N SER A 128 -16.36 25.29 10.24
CA SER A 128 -15.80 24.01 10.64
C SER A 128 -14.69 24.24 11.67
N PRO A 129 -15.02 24.68 12.92
CA PRO A 129 -14.01 24.98 13.94
C PRO A 129 -13.17 23.79 14.40
N ASN A 130 -13.64 22.56 14.11
CA ASN A 130 -12.96 21.34 14.52
C ASN A 130 -12.28 20.62 13.35
N CYS A 131 -12.25 21.22 12.16
CA CYS A 131 -11.66 20.52 11.02
C CYS A 131 -10.13 20.45 11.11
N LYS A 132 -9.58 19.50 10.34
CA LYS A 132 -8.19 19.55 9.92
C LYS A 132 -8.11 20.34 8.62
N LEU A 133 -7.10 21.20 8.53
CA LEU A 133 -6.80 21.99 7.34
C LEU A 133 -5.66 21.33 6.58
N LEU A 134 -5.88 21.04 5.29
CA LEU A 134 -4.84 20.49 4.43
C LEU A 134 -4.58 21.52 3.32
N ILE A 135 -3.38 22.12 3.37
CA ILE A 135 -3.02 23.21 2.50
C ILE A 135 -2.21 22.63 1.34
N VAL A 136 -2.67 22.98 0.13
CA VAL A 136 -2.04 22.52 -1.08
C VAL A 136 -1.45 23.69 -1.87
N SER A 137 -2.13 24.85 -1.83
CA SER A 137 -1.74 26.04 -2.57
C SER A 137 -0.27 26.39 -2.33
N ASN A 138 0.42 26.84 -3.40
CA ASN A 138 1.82 27.24 -3.34
C ASN A 138 1.95 28.75 -3.14
N PRO A 139 3.00 29.22 -2.41
CA PRO A 139 4.05 28.37 -1.82
C PRO A 139 3.58 27.62 -0.57
N VAL A 140 3.63 26.28 -0.60
CA VAL A 140 2.75 25.50 0.28
C VAL A 140 3.22 25.58 1.73
N ASP A 141 4.54 25.59 1.93
CA ASP A 141 5.12 25.66 3.27
C ASP A 141 4.78 26.99 3.95
N ILE A 142 4.94 28.09 3.21
CA ILE A 142 4.56 29.43 3.69
C ILE A 142 3.05 29.53 3.93
N LEU A 143 2.24 29.07 2.97
CA LEU A 143 0.80 29.22 3.12
C LEU A 143 0.24 28.30 4.22
N THR A 144 0.94 27.22 4.55
CA THR A 144 0.53 26.39 5.68
C THR A 144 0.74 27.16 7.00
N TYR A 145 1.90 27.83 7.11
CA TYR A 145 2.15 28.74 8.22
C TYR A 145 1.08 29.84 8.31
N VAL A 146 0.72 30.42 7.17
CA VAL A 146 -0.27 31.48 7.16
C VAL A 146 -1.62 30.94 7.64
N ALA A 147 -2.03 29.76 7.14
CA ALA A 147 -3.28 29.15 7.54
C ALA A 147 -3.30 28.89 9.05
N TRP A 148 -2.15 28.44 9.59
CA TRP A 148 -1.98 28.19 11.02
C TRP A 148 -2.18 29.49 11.81
N LYS A 149 -1.52 30.56 11.38
CA LYS A 149 -1.59 31.82 12.09
C LYS A 149 -2.99 32.41 12.03
N ILE A 150 -3.64 32.37 10.88
CA ILE A 150 -4.95 33.00 10.79
C ILE A 150 -5.97 32.15 11.54
N SER A 151 -5.90 30.82 11.41
CA SER A 151 -6.91 29.92 11.96
C SER A 151 -6.92 29.93 13.50
N GLY A 152 -5.72 30.02 14.10
CA GLY A 152 -5.56 29.80 15.53
C GLY A 152 -5.59 28.32 15.94
N PHE A 153 -5.63 27.40 14.95
CA PHE A 153 -5.71 25.98 15.22
C PHE A 153 -4.43 25.47 15.85
N PRO A 154 -4.51 24.40 16.68
CA PRO A 154 -3.31 23.74 17.17
C PRO A 154 -2.63 23.07 15.98
N LYS A 155 -1.34 22.77 16.13
CA LYS A 155 -0.50 22.47 14.99
C LYS A 155 -0.77 21.08 14.42
N ASN A 156 -1.43 20.20 15.20
CA ASN A 156 -1.81 18.90 14.72
C ASN A 156 -2.84 19.03 13.59
N ARG A 157 -3.59 20.13 13.56
CA ARG A 157 -4.79 20.28 12.69
C ARG A 157 -4.50 21.20 11.49
N VAL A 158 -3.23 21.54 11.27
CA VAL A 158 -2.82 22.34 10.12
C VAL A 158 -1.65 21.64 9.45
N ILE A 159 -1.91 21.11 8.25
CA ILE A 159 -1.05 20.18 7.53
C ILE A 159 -0.85 20.72 6.12
N GLY A 160 0.41 20.79 5.67
CA GLY A 160 0.72 21.12 4.29
C GLY A 160 1.05 19.86 3.48
N SER A 161 0.53 19.78 2.25
CA SER A 161 0.70 18.60 1.42
C SER A 161 2.20 18.29 1.26
N GLY A 162 3.02 19.35 1.20
CA GLY A 162 4.45 19.24 1.40
C GLY A 162 5.12 18.29 0.41
N CYS A 163 5.95 17.39 0.96
CA CYS A 163 6.82 16.56 0.15
C CYS A 163 6.24 15.15 -0.04
N ASN A 164 4.94 14.98 0.20
CA ASN A 164 4.29 13.71 -0.06
C ASN A 164 4.39 13.43 -1.57
N LEU A 165 4.07 14.45 -2.38
CA LEU A 165 4.22 14.39 -3.83
C LEU A 165 5.68 14.22 -4.26
N ASP A 166 6.59 15.01 -3.68
CA ASP A 166 8.00 14.96 -4.04
C ASP A 166 8.56 13.57 -3.80
N SER A 167 8.19 12.97 -2.67
CA SER A 167 8.63 11.62 -2.29
C SER A 167 8.02 10.59 -3.23
N ALA A 168 6.75 10.76 -3.64
CA ALA A 168 6.17 9.90 -4.66
C ALA A 168 6.93 9.96 -5.99
N ARG A 169 7.35 11.16 -6.42
CA ARG A 169 8.16 11.30 -7.63
C ARG A 169 9.48 10.55 -7.45
N PHE A 170 10.07 10.68 -6.26
CA PHE A 170 11.38 10.09 -6.00
C PHE A 170 11.31 8.57 -6.15
N ARG A 171 10.25 7.99 -5.58
CA ARG A 171 10.09 6.55 -5.55
C ARG A 171 9.73 6.05 -6.94
N TYR A 172 8.96 6.86 -7.69
CA TYR A 172 8.74 6.59 -9.10
C TYR A 172 10.04 6.50 -9.88
N LEU A 173 10.94 7.48 -9.73
CA LEU A 173 12.17 7.54 -10.51
C LEU A 173 13.12 6.41 -10.09
N MET A 174 13.19 6.17 -8.79
CA MET A 174 13.97 5.07 -8.23
C MET A 174 13.46 3.73 -8.78
N GLY A 175 12.15 3.57 -8.89
CA GLY A 175 11.57 2.38 -9.47
C GLY A 175 11.93 2.17 -10.95
N GLU A 176 11.99 3.27 -11.71
CA GLU A 176 12.39 3.22 -13.12
C GLU A 176 13.82 2.70 -13.23
N ARG A 177 14.68 3.13 -12.37
CA ARG A 177 16.11 2.70 -12.40
C ARG A 177 16.25 1.25 -11.97
N LEU A 178 15.38 0.79 -11.07
CA LEU A 178 15.60 -0.53 -10.47
C LEU A 178 14.74 -1.61 -11.11
N GLY A 179 13.71 -1.24 -11.89
CA GLY A 179 12.74 -2.19 -12.40
C GLY A 179 11.84 -2.77 -11.30
N VAL A 180 11.53 -1.96 -10.28
CA VAL A 180 10.68 -2.39 -9.17
C VAL A 180 9.54 -1.38 -9.00
N HIS A 181 8.38 -1.83 -8.54
CA HIS A 181 7.28 -0.91 -8.28
C HIS A 181 7.67 0.12 -7.24
N PRO A 182 7.26 1.40 -7.40
CA PRO A 182 7.51 2.43 -6.40
C PRO A 182 7.12 2.06 -4.98
N LEU A 183 6.05 1.26 -4.83
CA LEU A 183 5.62 0.78 -3.51
C LEU A 183 6.74 0.03 -2.79
N SER A 184 7.56 -0.73 -3.54
CA SER A 184 8.66 -1.51 -2.96
C SER A 184 9.98 -0.73 -2.94
N CYS A 185 9.98 0.52 -3.47
CA CYS A 185 11.15 1.39 -3.45
C CYS A 185 11.00 2.45 -2.37
N HIS A 186 11.86 2.39 -1.35
CA HIS A 186 11.67 3.29 -0.21
C HIS A 186 12.69 4.42 -0.24
N GLY A 187 12.20 5.65 0.00
CA GLY A 187 13.05 6.82 -0.02
C GLY A 187 12.28 8.09 0.28
N TRP A 188 12.92 9.01 1.03
CA TRP A 188 12.26 10.18 1.60
C TRP A 188 12.88 11.45 1.07
N VAL A 189 11.98 12.36 0.64
CA VAL A 189 12.33 13.74 0.33
C VAL A 189 11.65 14.61 1.38
N LEU A 190 12.45 15.43 2.07
CA LEU A 190 11.99 16.20 3.22
C LEU A 190 12.23 17.69 2.99
N GLY A 191 11.76 18.54 3.92
CA GLY A 191 12.01 19.97 3.87
C GLY A 191 10.93 20.71 3.08
N GLU A 192 11.37 21.59 2.18
CA GLU A 192 10.45 22.37 1.37
C GLU A 192 10.00 21.54 0.18
N HIS A 193 8.71 21.63 -0.14
CA HIS A 193 8.21 21.27 -1.46
C HIS A 193 9.04 21.97 -2.53
N GLY A 194 9.47 21.21 -3.55
CA GLY A 194 10.04 21.79 -4.75
C GLY A 194 11.57 21.88 -4.74
N ASP A 195 12.09 23.05 -5.09
CA ASP A 195 13.50 23.22 -5.47
C ASP A 195 14.45 22.86 -4.35
N SER A 196 14.08 23.21 -3.11
CA SER A 196 15.05 23.15 -2.02
C SER A 196 14.88 21.86 -1.22
N SER A 197 14.06 20.90 -1.74
CA SER A 197 13.77 19.64 -1.06
C SER A 197 15.06 18.83 -0.84
N VAL A 198 15.07 18.01 0.21
CA VAL A 198 16.26 17.28 0.64
C VAL A 198 16.04 15.77 0.52
N PRO A 199 16.76 15.07 -0.39
CA PRO A 199 16.70 13.61 -0.46
C PRO A 199 17.55 13.01 0.66
N VAL A 200 16.95 12.10 1.45
CA VAL A 200 17.69 11.46 2.54
C VAL A 200 18.25 10.12 2.05
N TRP A 201 19.49 10.18 1.54
CA TRP A 201 20.13 9.07 0.84
C TRP A 201 20.19 7.80 1.67
N SER A 202 20.40 7.98 2.98
CA SER A 202 20.68 6.87 3.90
C SER A 202 19.45 5.99 4.11
N GLY A 203 18.24 6.54 3.90
CA GLY A 203 16.98 5.81 3.98
C GLY A 203 16.56 5.09 2.69
N MET A 204 17.28 5.32 1.59
CA MET A 204 16.94 4.67 0.33
C MET A 204 17.19 3.17 0.43
N ASN A 205 16.13 2.38 0.21
CA ASN A 205 16.27 0.94 0.32
C ASN A 205 15.18 0.22 -0.46
N VAL A 206 15.51 -1.03 -0.76
CA VAL A 206 14.57 -2.04 -1.21
C VAL A 206 14.75 -3.23 -0.28
N ALA A 207 13.63 -3.73 0.26
CA ALA A 207 13.62 -4.91 1.12
C ALA A 207 14.56 -4.75 2.31
N GLY A 208 14.71 -3.51 2.80
CA GLY A 208 15.54 -3.22 3.95
C GLY A 208 17.03 -3.18 3.61
N VAL A 209 17.34 -3.27 2.31
CA VAL A 209 18.74 -3.21 1.90
C VAL A 209 19.09 -1.76 1.56
N SER A 210 19.93 -1.16 2.39
CA SER A 210 20.45 0.18 2.16
C SER A 210 21.23 0.23 0.86
N LEU A 211 20.77 1.08 -0.07
CA LEU A 211 21.50 1.35 -1.30
C LEU A 211 22.82 2.06 -0.97
N LYS A 212 22.80 2.95 0.02
CA LYS A 212 23.97 3.70 0.45
C LYS A 212 25.11 2.78 0.91
N THR A 213 24.77 1.68 1.61
CA THR A 213 25.75 0.71 2.10
C THR A 213 26.29 -0.15 0.97
N LEU A 214 25.44 -0.57 0.02
CA LEU A 214 25.88 -1.23 -1.20
C LEU A 214 26.72 -0.33 -2.11
N HIS A 215 26.37 0.97 -2.17
CA HIS A 215 26.92 1.93 -3.12
C HIS A 215 27.28 3.22 -2.39
N PRO A 216 28.45 3.29 -1.70
CA PRO A 216 28.78 4.44 -0.84
C PRO A 216 28.78 5.82 -1.49
N ASP A 217 28.94 5.88 -2.83
CA ASP A 217 28.93 7.15 -3.57
C ASP A 217 27.51 7.68 -3.82
N LEU A 218 26.47 6.90 -3.46
CA LEU A 218 25.09 7.36 -3.50
C LEU A 218 24.93 8.74 -2.85
N GLY A 219 24.49 9.71 -3.65
CA GLY A 219 24.25 11.07 -3.18
C GLY A 219 25.43 12.02 -3.38
N THR A 220 26.55 11.53 -3.92
CA THR A 220 27.69 12.39 -4.25
C THR A 220 27.64 12.78 -5.74
N ASP A 221 28.35 13.86 -6.06
CA ASP A 221 28.41 14.41 -7.42
C ASP A 221 29.24 13.50 -8.33
N LYS A 222 30.27 12.85 -7.77
CA LYS A 222 31.22 12.05 -8.54
C LYS A 222 30.68 10.66 -8.91
N ASP A 223 29.59 10.22 -8.26
CA ASP A 223 28.95 8.93 -8.51
C ASP A 223 29.00 8.53 -9.99
N LYS A 224 29.62 7.38 -10.29
CA LYS A 224 29.60 6.74 -11.61
C LYS A 224 28.18 6.68 -12.18
N GLU A 225 27.19 6.40 -11.31
CA GLU A 225 25.82 6.15 -11.73
C GLU A 225 24.94 7.39 -11.61
N GLN A 226 25.50 8.48 -11.09
CA GLN A 226 24.83 9.77 -11.04
C GLN A 226 23.46 9.65 -10.36
N TRP A 227 23.40 9.07 -9.14
CA TRP A 227 22.13 8.91 -8.43
C TRP A 227 21.56 10.24 -7.95
N LYS A 228 22.38 11.31 -7.85
CA LYS A 228 21.87 12.64 -7.53
C LYS A 228 20.86 13.13 -8.57
N GLU A 229 21.05 12.69 -9.83
CA GLU A 229 20.13 12.98 -10.91
C GLU A 229 18.70 12.57 -10.59
N VAL A 230 18.53 11.50 -9.78
CA VAL A 230 17.20 11.08 -9.35
C VAL A 230 16.51 12.24 -8.59
N HIS A 231 17.17 12.81 -7.55
CA HIS A 231 16.63 13.96 -6.84
C HIS A 231 16.49 15.20 -7.75
N LYS A 232 17.48 15.47 -8.59
CA LYS A 232 17.41 16.59 -9.50
C LYS A 232 16.14 16.44 -10.35
N GLN A 233 15.86 15.21 -10.81
CA GLN A 233 14.68 14.96 -11.62
C GLN A 233 13.40 15.07 -10.78
N VAL A 234 13.46 14.86 -9.46
CA VAL A 234 12.27 15.10 -8.65
C VAL A 234 11.84 16.57 -8.82
N VAL A 235 12.82 17.47 -8.90
CA VAL A 235 12.57 18.89 -9.06
C VAL A 235 12.24 19.21 -10.53
N GLU A 236 13.11 18.78 -11.44
CA GLU A 236 12.99 19.12 -12.86
C GLU A 236 11.74 18.51 -13.51
N SER A 237 11.32 17.32 -13.04
CA SER A 237 10.16 16.64 -13.63
C SER A 237 8.89 17.47 -13.42
N ALA A 238 8.79 18.15 -12.27
CA ALA A 238 7.69 19.06 -12.02
C ALA A 238 7.75 20.26 -12.97
N TYR A 239 8.94 20.86 -13.15
CA TYR A 239 9.09 21.96 -14.10
C TYR A 239 8.79 21.46 -15.52
N GLU A 240 9.14 20.20 -15.80
CA GLU A 240 8.92 19.65 -17.11
C GLU A 240 7.42 19.53 -17.40
N VAL A 241 6.64 19.06 -16.44
CA VAL A 241 5.20 18.91 -16.64
C VAL A 241 4.59 20.30 -16.81
N ILE A 242 5.04 21.27 -16.01
CA ILE A 242 4.53 22.64 -16.11
C ILE A 242 4.82 23.21 -17.51
N LYS A 243 6.03 22.98 -18.02
CA LYS A 243 6.46 23.44 -19.32
C LYS A 243 5.62 22.76 -20.43
N LEU A 244 5.46 21.44 -20.34
CA LEU A 244 4.80 20.69 -21.42
C LEU A 244 3.27 20.83 -21.40
N LYS A 245 2.64 20.87 -20.23
CA LYS A 245 1.18 20.84 -20.16
C LYS A 245 0.64 22.17 -19.64
N GLY A 246 1.49 23.01 -19.04
CA GLY A 246 1.09 24.31 -18.53
C GLY A 246 0.97 24.35 -17.00
N TYR A 247 0.81 23.16 -16.38
CA TYR A 247 0.52 23.03 -14.96
C TYR A 247 0.63 21.54 -14.62
N THR A 248 0.59 21.18 -13.32
CA THR A 248 0.41 19.79 -12.89
C THR A 248 -0.91 19.65 -12.12
N SER A 249 -1.54 18.47 -12.16
CA SER A 249 -2.79 18.27 -11.43
C SER A 249 -2.99 16.85 -10.91
N TRP A 250 -2.70 15.83 -11.74
CA TRP A 250 -3.11 14.47 -11.44
C TRP A 250 -2.33 13.92 -10.26
N ALA A 251 -1.00 14.06 -10.26
CA ALA A 251 -0.14 13.51 -9.21
C ALA A 251 -0.45 14.14 -7.85
N ILE A 252 -0.59 15.47 -7.83
CA ILE A 252 -0.94 16.14 -6.59
C ILE A 252 -2.33 15.70 -6.12
N GLY A 253 -3.28 15.55 -7.06
CA GLY A 253 -4.61 15.08 -6.70
C GLY A 253 -4.57 13.75 -5.95
N LEU A 254 -3.79 12.80 -6.51
CA LEU A 254 -3.61 11.48 -5.93
C LEU A 254 -2.86 11.57 -4.58
N SER A 255 -1.85 12.45 -4.48
CA SER A 255 -1.09 12.60 -3.24
C SER A 255 -2.00 13.10 -2.12
N VAL A 256 -2.86 14.07 -2.44
CA VAL A 256 -3.77 14.66 -1.46
C VAL A 256 -4.84 13.64 -1.02
N ALA A 257 -5.34 12.83 -1.97
CA ALA A 257 -6.28 11.75 -1.67
C ALA A 257 -5.64 10.73 -0.71
N ASP A 258 -4.33 10.48 -0.85
CA ASP A 258 -3.56 9.58 0.00
C ASP A 258 -3.49 10.11 1.43
N LEU A 259 -3.20 11.40 1.58
CA LEU A 259 -3.21 12.05 2.89
C LEU A 259 -4.62 12.04 3.48
N ALA A 260 -5.61 12.33 2.64
CA ALA A 260 -7.00 12.34 3.08
C ALA A 260 -7.42 10.96 3.58
N GLU A 261 -6.95 9.92 2.91
CA GLU A 261 -7.26 8.56 3.32
C GLU A 261 -6.77 8.31 4.74
N SER A 262 -5.52 8.71 5.03
CA SER A 262 -4.91 8.43 6.32
C SER A 262 -5.66 9.15 7.43
N ILE A 263 -6.11 10.38 7.14
CA ILE A 263 -6.83 11.20 8.09
C ILE A 263 -8.24 10.64 8.31
N MET A 264 -8.99 10.41 7.23
CA MET A 264 -10.41 10.08 7.32
C MET A 264 -10.59 8.69 7.90
N LYS A 265 -9.65 7.79 7.62
CA LYS A 265 -9.71 6.41 8.12
C LYS A 265 -8.81 6.18 9.33
N ASN A 266 -8.15 7.23 9.84
CA ASN A 266 -7.34 7.16 11.04
C ASN A 266 -6.27 6.08 10.93
N LEU A 267 -5.52 6.06 9.83
CA LEU A 267 -4.68 4.90 9.55
C LEU A 267 -3.39 4.90 10.36
N ARG A 268 -2.92 6.09 10.76
CA ARG A 268 -1.63 6.25 11.43
C ARG A 268 -0.49 5.75 10.54
N ARG A 269 -0.59 6.02 9.24
CA ARG A 269 0.52 5.85 8.32
C ARG A 269 1.46 7.05 8.43
N VAL A 270 2.69 6.86 7.94
CA VAL A 270 3.71 7.90 8.00
C VAL A 270 3.86 8.55 6.62
N HIS A 271 3.75 9.89 6.59
CA HIS A 271 3.85 10.65 5.37
C HIS A 271 4.77 11.84 5.55
N PRO A 272 5.57 12.23 4.55
CA PRO A 272 6.36 13.47 4.63
C PRO A 272 5.48 14.68 4.28
N VAL A 273 4.87 15.30 5.28
CA VAL A 273 3.98 16.43 5.08
C VAL A 273 4.55 17.60 5.87
N SER A 274 4.02 18.80 5.61
CA SER A 274 4.58 20.04 6.14
C SER A 274 3.96 20.32 7.49
N THR A 275 4.79 20.38 8.54
CA THR A 275 4.31 20.53 9.92
C THR A 275 5.10 21.62 10.61
N MET A 276 4.49 22.21 11.65
CA MET A 276 5.14 23.26 12.42
C MET A 276 6.30 22.65 13.22
N ILE A 277 7.54 22.90 12.76
CA ILE A 277 8.68 22.07 13.11
C ILE A 277 9.60 22.75 14.14
N LYS A 278 9.20 23.92 14.69
CA LYS A 278 10.05 24.60 15.66
C LYS A 278 10.35 23.71 16.85
N GLY A 279 11.64 23.63 17.22
CA GLY A 279 12.07 22.85 18.39
C GLY A 279 12.59 21.46 18.01
N LEU A 280 12.46 21.08 16.74
CA LEU A 280 12.93 19.79 16.27
C LEU A 280 13.82 20.01 15.06
N TYR A 281 14.60 18.97 14.72
CA TYR A 281 15.56 18.98 13.62
C TYR A 281 16.46 20.22 13.65
N GLY A 282 16.66 20.78 14.86
CA GLY A 282 17.53 21.94 15.08
C GLY A 282 16.90 23.28 14.72
N ILE A 283 15.59 23.32 14.45
CA ILE A 283 14.96 24.52 13.91
C ILE A 283 14.44 25.37 15.06
N LYS A 284 14.64 26.69 14.95
CA LYS A 284 14.43 27.60 16.06
C LYS A 284 13.39 28.67 15.75
N ASP A 285 12.82 28.67 14.53
CA ASP A 285 11.75 29.60 14.18
C ASP A 285 10.46 28.83 13.85
N ASP A 286 9.35 29.58 13.89
CA ASP A 286 8.02 29.07 13.59
C ASP A 286 7.84 28.95 12.07
N VAL A 287 8.15 27.75 11.54
CA VAL A 287 8.02 27.47 10.12
C VAL A 287 7.44 26.07 9.95
N PHE A 288 6.94 25.81 8.75
CA PHE A 288 6.46 24.50 8.36
C PHE A 288 7.42 23.91 7.32
N LEU A 289 7.87 22.68 7.60
CA LEU A 289 8.70 21.88 6.71
C LEU A 289 8.22 20.44 6.76
N SER A 290 8.47 19.69 5.69
CA SER A 290 8.08 18.30 5.61
C SER A 290 9.07 17.42 6.37
N VAL A 291 8.53 16.63 7.31
CA VAL A 291 9.22 15.51 7.93
C VAL A 291 8.21 14.37 8.02
N PRO A 292 8.66 13.12 8.24
CA PRO A 292 7.74 11.98 8.28
C PRO A 292 6.81 12.09 9.49
N CYS A 293 5.50 12.23 9.23
CA CYS A 293 4.53 12.43 10.29
C CYS A 293 3.53 11.27 10.28
N ILE A 294 3.08 10.88 11.48
CA ILE A 294 1.99 9.93 11.64
C ILE A 294 0.70 10.71 11.48
N LEU A 295 -0.12 10.28 10.50
CA LEU A 295 -1.36 10.94 10.15
C LEU A 295 -2.55 10.07 10.58
N GLY A 296 -3.57 10.73 11.16
CA GLY A 296 -4.82 10.06 11.49
C GLY A 296 -5.93 11.08 11.68
N GLN A 297 -6.95 10.70 12.45
CA GLN A 297 -8.20 11.45 12.50
C GLN A 297 -8.03 12.80 13.21
N ASN A 298 -6.96 12.95 14.03
CA ASN A 298 -6.70 14.22 14.71
CA ASN A 298 -6.70 14.22 14.71
C ASN A 298 -5.52 14.94 14.04
N GLY A 299 -5.27 14.64 12.76
CA GLY A 299 -4.21 15.31 12.00
C GLY A 299 -2.85 14.66 12.28
N ILE A 300 -1.85 15.50 12.54
CA ILE A 300 -0.50 15.02 12.83
C ILE A 300 -0.37 14.69 14.32
N SER A 301 -0.24 13.39 14.66
CA SER A 301 -0.20 12.96 16.05
C SER A 301 1.21 12.79 16.59
N ASP A 302 2.18 12.58 15.68
CA ASP A 302 3.53 12.21 16.03
C ASP A 302 4.43 12.52 14.82
N LEU A 303 5.75 12.68 15.08
CA LEU A 303 6.79 12.89 14.08
C LEU A 303 7.81 11.78 14.24
N VAL A 304 8.31 11.24 13.12
CA VAL A 304 9.49 10.41 13.13
C VAL A 304 10.73 11.32 13.12
N LYS A 305 11.68 10.98 14.01
CA LYS A 305 12.94 11.65 14.16
C LYS A 305 13.99 10.94 13.30
N VAL A 306 14.18 11.47 12.09
CA VAL A 306 15.12 10.90 11.13
C VAL A 306 16.52 11.32 11.56
N THR A 307 17.48 10.39 11.49
CA THR A 307 18.88 10.73 11.72
C THR A 307 19.44 11.32 10.42
N LEU A 308 19.85 12.58 10.50
CA LEU A 308 20.32 13.33 9.35
C LEU A 308 21.83 13.49 9.47
N THR A 309 22.53 13.55 8.34
CA THR A 309 23.88 14.10 8.30
C THR A 309 23.82 15.57 8.68
N SER A 310 24.99 16.11 9.04
CA SER A 310 25.18 17.52 9.33
C SER A 310 24.67 18.38 8.17
N GLU A 311 25.00 17.97 6.95
CA GLU A 311 24.62 18.65 5.72
C GLU A 311 23.11 18.63 5.53
N GLU A 312 22.46 17.48 5.75
CA GLU A 312 21.02 17.36 5.60
C GLU A 312 20.34 18.30 6.58
N GLU A 313 20.82 18.32 7.83
CA GLU A 313 20.23 19.16 8.86
C GLU A 313 20.43 20.64 8.53
N ALA A 314 21.62 20.98 8.02
CA ALA A 314 21.92 22.36 7.64
C ALA A 314 20.94 22.83 6.56
N ARG A 315 20.66 21.95 5.59
CA ARG A 315 19.72 22.26 4.52
C ARG A 315 18.32 22.55 5.08
N LEU A 316 17.87 21.79 6.09
CA LEU A 316 16.58 22.06 6.70
C LEU A 316 16.55 23.41 7.39
N LYS A 317 17.62 23.70 8.18
CA LYS A 317 17.74 24.96 8.89
C LYS A 317 17.81 26.12 7.90
N LYS A 318 18.56 25.96 6.81
CA LYS A 318 18.59 26.96 5.75
C LYS A 318 17.17 27.23 5.24
N SER A 319 16.41 26.16 4.96
CA SER A 319 15.03 26.29 4.54
C SER A 319 14.21 27.06 5.58
N ALA A 320 14.39 26.70 6.85
CA ALA A 320 13.66 27.40 7.91
C ALA A 320 14.00 28.89 7.92
N ASP A 321 15.29 29.24 7.76
CA ASP A 321 15.74 30.65 7.70
C ASP A 321 15.10 31.32 6.48
N THR A 322 15.02 30.71 5.33
CA THR A 322 14.41 31.26 4.13
C THR A 322 12.92 31.56 4.40
N LEU A 323 12.22 30.59 4.98
CA LEU A 323 10.79 30.70 5.24
C LEU A 323 10.52 31.79 6.28
N TRP A 324 11.35 31.84 7.33
CA TRP A 324 11.19 32.86 8.37
C TRP A 324 11.35 34.24 7.75
N GLY A 325 12.37 34.40 6.89
CA GLY A 325 12.60 35.68 6.23
C GLY A 325 11.42 36.13 5.37
N ILE A 326 10.88 35.22 4.56
CA ILE A 326 9.71 35.52 3.75
C ILE A 326 8.51 35.81 4.66
N GLN A 327 8.32 35.01 5.71
CA GLN A 327 7.17 35.18 6.59
C GLN A 327 7.15 36.56 7.24
N LYS A 328 8.32 37.09 7.64
CA LYS A 328 8.40 38.40 8.30
C LYS A 328 8.15 39.55 7.32
N GLU A 329 8.57 39.42 6.05
CA GLU A 329 8.36 40.48 5.06
C GLU A 329 6.96 40.39 4.44
N LEU A 330 6.12 39.45 4.86
CA LEU A 330 4.73 39.38 4.41
C LEU A 330 3.85 40.11 5.42
N GLN A 331 2.71 40.59 4.89
CA GLN A 331 1.87 41.62 5.51
C GLN A 331 0.55 40.99 5.96
N PHE A 332 0.38 40.90 7.31
CA PHE A 332 -0.80 40.38 7.97
C PHE A 332 -0.59 40.47 9.50
N ALA B 2 -41.28 -18.40 -29.25
CA ALA B 2 -40.16 -18.95 -28.46
C ALA B 2 -40.22 -18.39 -27.03
N THR B 3 -39.10 -18.53 -26.32
CA THR B 3 -39.03 -18.38 -24.88
C THR B 3 -39.06 -16.91 -24.46
N LEU B 4 -39.30 -16.69 -23.17
CA LEU B 4 -39.21 -15.36 -22.57
C LEU B 4 -37.83 -14.75 -22.76
N LYS B 5 -36.78 -15.57 -22.56
CA LYS B 5 -35.39 -15.19 -22.81
C LYS B 5 -35.24 -14.65 -24.24
N ASP B 6 -35.76 -15.40 -25.22
CA ASP B 6 -35.64 -15.03 -26.62
C ASP B 6 -36.50 -13.80 -26.94
N GLN B 7 -37.62 -13.61 -26.23
CA GLN B 7 -38.45 -12.42 -26.40
C GLN B 7 -37.76 -11.19 -25.81
N LEU B 8 -37.06 -11.38 -24.69
CA LEU B 8 -36.40 -10.32 -23.97
C LEU B 8 -35.06 -9.99 -24.64
N ILE B 9 -34.33 -11.03 -25.10
CA ILE B 9 -32.91 -10.86 -25.45
C ILE B 9 -32.62 -11.35 -26.86
N TYR B 10 -32.08 -10.45 -27.69
CA TYR B 10 -31.54 -10.83 -28.99
C TYR B 10 -30.05 -11.13 -28.86
N ASN B 11 -29.68 -12.37 -29.18
CA ASN B 11 -28.28 -12.80 -29.16
C ASN B 11 -27.69 -12.63 -30.56
N LEU B 12 -26.62 -11.85 -30.68
CA LEU B 12 -25.82 -11.85 -31.90
C LEU B 12 -24.74 -12.94 -31.80
N LEU B 13 -24.02 -12.85 -30.69
CA LEU B 13 -22.66 -13.32 -30.59
C LEU B 13 -22.62 -14.66 -29.86
N LYS B 14 -22.16 -15.70 -30.56
CA LYS B 14 -22.05 -17.03 -30.01
C LYS B 14 -20.58 -17.43 -29.85
N GLU B 15 -19.64 -16.56 -30.27
CA GLU B 15 -18.21 -16.81 -30.09
C GLU B 15 -17.90 -17.24 -28.65
N GLU B 16 -16.95 -18.18 -28.51
CA GLU B 16 -16.78 -18.99 -27.32
C GLU B 16 -16.25 -18.19 -26.12
N GLN B 17 -15.10 -17.52 -26.28
CA GLN B 17 -14.51 -16.74 -25.19
C GLN B 17 -13.69 -17.64 -24.25
N THR B 18 -12.39 -17.33 -24.12
CA THR B 18 -11.54 -17.91 -23.09
C THR B 18 -11.59 -17.03 -21.85
N PRO B 19 -11.35 -17.55 -20.62
CA PRO B 19 -11.21 -16.68 -19.45
C PRO B 19 -9.86 -15.99 -19.57
N GLN B 20 -9.82 -14.71 -19.18
CA GLN B 20 -8.63 -13.92 -19.45
C GLN B 20 -7.79 -13.71 -18.18
N ASN B 21 -8.43 -13.83 -17.01
CA ASN B 21 -7.80 -13.52 -15.74
C ASN B 21 -8.25 -14.53 -14.70
N LYS B 22 -8.00 -15.82 -15.01
CA LYS B 22 -8.60 -16.92 -14.28
C LYS B 22 -7.65 -17.38 -13.19
N ILE B 23 -8.21 -17.59 -11.99
CA ILE B 23 -7.47 -18.14 -10.87
C ILE B 23 -8.18 -19.42 -10.42
N THR B 24 -7.38 -20.44 -10.08
CA THR B 24 -7.84 -21.67 -9.44
C THR B 24 -7.30 -21.76 -8.00
N VAL B 25 -8.20 -22.13 -7.08
CA VAL B 25 -7.85 -22.57 -5.73
C VAL B 25 -8.14 -24.08 -5.61
N VAL B 26 -7.10 -24.87 -5.33
CA VAL B 26 -7.21 -26.30 -5.04
C VAL B 26 -7.12 -26.51 -3.52
N GLY B 27 -8.23 -26.97 -2.94
CA GLY B 27 -8.33 -27.24 -1.52
C GLY B 27 -9.18 -26.16 -0.85
N VAL B 28 -10.45 -26.48 -0.55
CA VAL B 28 -11.40 -25.49 -0.05
C VAL B 28 -11.68 -25.72 1.43
N GLY B 29 -10.61 -25.91 2.20
CA GLY B 29 -10.69 -25.86 3.65
C GLY B 29 -10.76 -24.40 4.08
N ALA B 30 -10.47 -24.10 5.35
CA ALA B 30 -10.63 -22.71 5.78
C ALA B 30 -9.61 -21.81 5.07
N VAL B 31 -8.41 -22.31 4.75
CA VAL B 31 -7.39 -21.51 4.13
C VAL B 31 -7.77 -21.19 2.69
N GLY B 32 -8.13 -22.23 1.94
CA GLY B 32 -8.56 -22.09 0.56
C GLY B 32 -9.75 -21.14 0.40
N MET B 33 -10.74 -21.23 1.32
CA MET B 33 -11.90 -20.38 1.20
C MET B 33 -11.54 -18.93 1.58
N ALA B 34 -10.59 -18.77 2.52
CA ALA B 34 -10.16 -17.44 2.90
C ALA B 34 -9.46 -16.78 1.71
N CYS B 35 -8.63 -17.55 1.01
CA CYS B 35 -7.99 -17.12 -0.23
C CYS B 35 -9.05 -16.73 -1.28
N ALA B 36 -10.07 -17.58 -1.43
CA ALA B 36 -11.11 -17.37 -2.43
C ALA B 36 -11.85 -16.06 -2.16
N ILE B 37 -12.27 -15.82 -0.91
CA ILE B 37 -13.09 -14.65 -0.59
C ILE B 37 -12.25 -13.39 -0.73
N SER B 38 -10.98 -13.46 -0.35
CA SER B 38 -10.09 -12.32 -0.42
C SER B 38 -9.83 -11.92 -1.89
N ILE B 39 -9.62 -12.92 -2.74
CA ILE B 39 -9.48 -12.74 -4.17
C ILE B 39 -10.77 -12.19 -4.77
N LEU B 40 -11.93 -12.76 -4.40
CA LEU B 40 -13.20 -12.28 -4.94
C LEU B 40 -13.42 -10.80 -4.57
N MET B 41 -13.09 -10.42 -3.34
CA MET B 41 -13.39 -9.07 -2.89
C MET B 41 -12.34 -8.05 -3.29
N LYS B 42 -11.25 -8.49 -3.92
CA LYS B 42 -10.27 -7.59 -4.47
C LYS B 42 -10.34 -7.59 -6.00
N ASP B 43 -11.38 -8.21 -6.58
CA ASP B 43 -11.56 -8.27 -8.03
C ASP B 43 -10.26 -8.62 -8.76
N LEU B 44 -9.58 -9.72 -8.38
CA LEU B 44 -8.34 -10.10 -9.04
C LEU B 44 -8.56 -11.03 -10.22
N ALA B 45 -9.76 -11.64 -10.33
CA ALA B 45 -10.02 -12.64 -11.36
C ALA B 45 -11.34 -12.35 -12.07
N ASP B 46 -11.43 -12.76 -13.35
CA ASP B 46 -12.68 -12.79 -14.08
C ASP B 46 -13.34 -14.17 -13.99
N GLU B 47 -12.57 -15.19 -13.58
CA GLU B 47 -13.10 -16.52 -13.29
C GLU B 47 -12.32 -17.13 -12.12
N LEU B 48 -13.08 -17.68 -11.16
CA LEU B 48 -12.52 -18.43 -10.05
C LEU B 48 -13.00 -19.88 -10.14
N ALA B 49 -12.04 -20.81 -10.14
CA ALA B 49 -12.33 -22.23 -10.10
C ALA B 49 -11.87 -22.77 -8.75
N LEU B 50 -12.74 -23.60 -8.15
CA LEU B 50 -12.47 -24.32 -6.92
C LEU B 50 -12.38 -25.82 -7.17
N VAL B 51 -11.39 -26.47 -6.56
CA VAL B 51 -11.21 -27.91 -6.63
C VAL B 51 -11.02 -28.46 -5.22
N ASP B 52 -11.63 -29.62 -4.96
CA ASP B 52 -11.37 -30.44 -3.78
C ASP B 52 -11.67 -31.90 -4.14
N VAL B 53 -11.42 -32.82 -3.20
CA VAL B 53 -11.82 -34.23 -3.31
C VAL B 53 -13.15 -34.46 -2.58
N ILE B 54 -13.52 -33.61 -1.63
CA ILE B 54 -14.79 -33.71 -0.93
C ILE B 54 -15.82 -32.92 -1.76
N GLU B 55 -16.64 -33.67 -2.53
CA GLU B 55 -17.50 -33.11 -3.54
C GLU B 55 -18.63 -32.26 -2.96
N ASP B 56 -19.23 -32.70 -1.85
N ASP B 56 -19.20 -32.67 -1.81
CA ASP B 56 -20.35 -31.99 -1.24
CA ASP B 56 -20.36 -31.97 -1.27
C ASP B 56 -19.90 -30.64 -0.70
C ASP B 56 -19.92 -30.63 -0.66
N LYS B 57 -18.83 -30.64 0.10
CA LYS B 57 -18.22 -29.42 0.64
C LYS B 57 -17.93 -28.43 -0.48
N LEU B 58 -17.27 -28.95 -1.53
CA LEU B 58 -16.87 -28.16 -2.67
C LEU B 58 -18.07 -27.47 -3.30
N LYS B 59 -19.12 -28.26 -3.59
CA LYS B 59 -20.29 -27.75 -4.27
C LYS B 59 -21.01 -26.72 -3.39
N GLY B 60 -21.11 -27.02 -2.10
CA GLY B 60 -21.81 -26.14 -1.18
C GLY B 60 -21.10 -24.79 -1.03
N GLU B 61 -19.76 -24.83 -0.96
CA GLU B 61 -18.96 -23.61 -0.89
C GLU B 61 -19.14 -22.81 -2.16
N MET B 62 -19.06 -23.50 -3.31
CA MET B 62 -19.21 -22.85 -4.60
C MET B 62 -20.56 -22.13 -4.65
N MET B 63 -21.65 -22.81 -4.25
CA MET B 63 -23.00 -22.26 -4.36
C MET B 63 -23.16 -21.05 -3.43
N ASP B 64 -22.52 -21.11 -2.26
CA ASP B 64 -22.61 -20.06 -1.26
C ASP B 64 -21.99 -18.76 -1.81
N LEU B 65 -20.82 -18.88 -2.45
CA LEU B 65 -20.18 -17.75 -3.11
C LEU B 65 -21.06 -17.23 -4.25
N GLN B 66 -21.57 -18.16 -5.08
CA GLN B 66 -22.45 -17.81 -6.19
C GLN B 66 -23.67 -17.00 -5.72
N HIS B 67 -24.20 -17.30 -4.53
CA HIS B 67 -25.36 -16.57 -4.03
C HIS B 67 -25.03 -15.11 -3.67
N GLY B 68 -23.73 -14.80 -3.52
CA GLY B 68 -23.27 -13.45 -3.26
C GLY B 68 -22.80 -12.70 -4.51
N SER B 69 -23.06 -13.25 -5.70
CA SER B 69 -22.61 -12.71 -7.00
C SER B 69 -23.06 -11.27 -7.20
N LEU B 70 -24.28 -10.95 -6.72
CA LEU B 70 -24.82 -9.60 -6.83
C LEU B 70 -23.83 -8.58 -6.25
N PHE B 71 -23.05 -9.02 -5.25
CA PHE B 71 -22.20 -8.13 -4.47
C PHE B 71 -20.75 -8.19 -4.94
N LEU B 72 -20.48 -8.94 -6.03
CA LEU B 72 -19.12 -9.23 -6.48
C LEU B 72 -18.97 -8.77 -7.92
N ARG B 73 -17.72 -8.73 -8.42
CA ARG B 73 -17.38 -8.34 -9.81
C ARG B 73 -16.54 -9.44 -10.45
N THR B 74 -16.75 -10.68 -9.98
CA THR B 74 -16.14 -11.86 -10.60
C THR B 74 -17.29 -12.68 -11.19
N PRO B 75 -17.53 -12.61 -12.52
CA PRO B 75 -18.78 -13.09 -13.08
C PRO B 75 -18.91 -14.61 -13.17
N LYS B 76 -17.81 -15.35 -13.05
CA LYS B 76 -17.86 -16.79 -13.20
C LYS B 76 -17.13 -17.49 -12.04
N ILE B 77 -17.91 -18.19 -11.20
CA ILE B 77 -17.41 -19.07 -10.15
C ILE B 77 -17.81 -20.52 -10.47
N VAL B 78 -16.83 -21.41 -10.62
CA VAL B 78 -17.06 -22.80 -10.96
C VAL B 78 -16.31 -23.71 -9.99
N SER B 79 -16.68 -24.99 -9.99
CA SER B 79 -16.01 -25.96 -9.12
C SER B 79 -16.16 -27.35 -9.72
N GLY B 80 -15.26 -28.25 -9.33
CA GLY B 80 -15.41 -29.68 -9.55
C GLY B 80 -14.20 -30.47 -9.06
N LYS B 81 -14.36 -31.81 -8.99
CA LYS B 81 -13.25 -32.70 -8.70
C LYS B 81 -12.41 -32.92 -9.96
N ASP B 82 -13.01 -32.70 -11.14
CA ASP B 82 -12.29 -32.86 -12.41
C ASP B 82 -11.57 -31.56 -12.74
N TYR B 83 -10.33 -31.66 -13.22
CA TYR B 83 -9.46 -30.51 -13.40
C TYR B 83 -9.74 -29.74 -14.68
N ASN B 84 -10.71 -30.20 -15.48
CA ASN B 84 -11.08 -29.49 -16.69
C ASN B 84 -11.71 -28.14 -16.32
N VAL B 85 -12.27 -28.02 -15.11
CA VAL B 85 -12.77 -26.75 -14.61
C VAL B 85 -11.64 -25.74 -14.40
N THR B 86 -10.37 -26.20 -14.30
CA THR B 86 -9.23 -25.34 -14.03
C THR B 86 -8.53 -24.83 -15.29
N ALA B 87 -9.01 -25.24 -16.46
CA ALA B 87 -8.33 -25.01 -17.73
C ALA B 87 -8.08 -23.52 -17.93
N ASN B 88 -6.86 -23.17 -18.40
CA ASN B 88 -6.51 -21.82 -18.84
C ASN B 88 -6.41 -20.85 -17.67
N SER B 89 -6.02 -21.36 -16.50
CA SER B 89 -5.77 -20.51 -15.34
C SER B 89 -4.44 -19.78 -15.52
N LYS B 90 -4.40 -18.50 -15.13
CA LYS B 90 -3.14 -17.77 -15.03
C LYS B 90 -2.37 -18.19 -13.78
N LEU B 91 -3.11 -18.41 -12.69
CA LEU B 91 -2.55 -18.61 -11.37
C LEU B 91 -3.34 -19.73 -10.71
N VAL B 92 -2.61 -20.74 -10.19
CA VAL B 92 -3.22 -21.84 -9.46
C VAL B 92 -2.57 -21.88 -8.07
N ILE B 93 -3.43 -21.76 -7.05
CA ILE B 93 -3.09 -21.66 -5.65
C ILE B 93 -3.44 -23.01 -5.00
N ILE B 94 -2.43 -23.66 -4.39
CA ILE B 94 -2.60 -24.96 -3.76
C ILE B 94 -2.64 -24.78 -2.25
N THR B 95 -3.81 -25.09 -1.67
CA THR B 95 -4.08 -24.96 -0.25
C THR B 95 -4.62 -26.32 0.25
N ALA B 96 -4.40 -27.37 -0.55
CA ALA B 96 -4.85 -28.72 -0.28
C ALA B 96 -3.88 -29.38 0.71
N GLY B 97 -4.44 -30.17 1.63
CA GLY B 97 -3.67 -30.72 2.74
C GLY B 97 -4.41 -31.85 3.44
N ALA B 98 -3.62 -32.70 4.12
CA ALA B 98 -4.15 -33.74 4.97
C ALA B 98 -4.37 -33.20 6.38
N ARG B 99 -5.26 -33.86 7.14
CA ARG B 99 -5.43 -33.56 8.57
C ARG B 99 -4.51 -34.48 9.37
N GLN B 100 -3.73 -33.94 10.30
CA GLN B 100 -2.93 -34.76 11.19
C GLN B 100 -3.89 -35.62 12.03
N GLN B 101 -3.61 -36.94 12.06
CA GLN B 101 -4.36 -37.86 12.87
C GLN B 101 -3.65 -38.00 14.22
N GLU B 102 -4.39 -38.51 15.22
CA GLU B 102 -3.79 -38.83 16.51
C GLU B 102 -2.77 -39.96 16.34
N GLY B 103 -1.57 -39.72 16.90
CA GLY B 103 -0.48 -40.68 16.89
C GLY B 103 0.24 -40.76 15.54
N GLU B 104 0.02 -39.75 14.68
CA GLU B 104 0.67 -39.67 13.38
C GLU B 104 1.94 -38.85 13.52
N SER B 105 3.07 -39.32 12.95
CA SER B 105 4.27 -38.50 12.92
C SER B 105 4.12 -37.33 11.94
N ARG B 106 4.93 -36.28 12.19
CA ARG B 106 5.10 -35.16 11.28
C ARG B 106 5.51 -35.66 9.90
N LEU B 107 6.51 -36.57 9.88
CA LEU B 107 7.06 -37.06 8.65
C LEU B 107 6.01 -37.82 7.83
N ASN B 108 5.16 -38.60 8.50
CA ASN B 108 4.11 -39.29 7.78
C ASN B 108 3.14 -38.29 7.15
N LEU B 109 2.79 -37.24 7.89
CA LEU B 109 1.90 -36.19 7.41
C LEU B 109 2.50 -35.46 6.22
N VAL B 110 3.79 -35.12 6.31
CA VAL B 110 4.50 -34.49 5.19
C VAL B 110 4.38 -35.38 3.96
N GLN B 111 4.59 -36.69 4.13
CA GLN B 111 4.56 -37.59 3.01
C GLN B 111 3.14 -37.71 2.46
N ARG B 112 2.13 -37.69 3.34
CA ARG B 112 0.75 -37.71 2.88
C ARG B 112 0.48 -36.47 2.02
N ASN B 113 1.04 -35.31 2.41
CA ASN B 113 0.88 -34.07 1.63
C ASN B 113 1.63 -34.15 0.30
N VAL B 114 2.84 -34.73 0.32
CA VAL B 114 3.56 -35.00 -0.92
C VAL B 114 2.71 -35.85 -1.85
N ASN B 115 2.07 -36.90 -1.33
CA ASN B 115 1.30 -37.79 -2.18
C ASN B 115 0.08 -37.04 -2.75
N ILE B 116 -0.51 -36.12 -1.98
CA ILE B 116 -1.61 -35.30 -2.47
C ILE B 116 -1.11 -34.47 -3.66
N PHE B 117 0.10 -33.92 -3.54
CA PHE B 117 0.71 -33.11 -4.60
C PHE B 117 1.00 -33.95 -5.84
N LYS B 118 1.35 -35.22 -5.66
CA LYS B 118 1.61 -36.07 -6.81
C LYS B 118 0.35 -36.25 -7.64
N PHE B 119 -0.83 -36.23 -7.00
CA PHE B 119 -2.07 -36.31 -7.75
C PHE B 119 -2.46 -34.93 -8.32
N ILE B 120 -2.25 -33.85 -7.56
CA ILE B 120 -2.73 -32.52 -7.94
C ILE B 120 -1.89 -31.94 -9.08
N ILE B 121 -0.57 -31.88 -8.90
CA ILE B 121 0.28 -31.07 -9.77
C ILE B 121 0.18 -31.52 -11.22
N PRO B 122 0.30 -32.83 -11.57
CA PRO B 122 0.16 -33.24 -12.97
C PRO B 122 -1.16 -32.82 -13.61
N ASN B 123 -2.25 -32.84 -12.81
CA ASN B 123 -3.57 -32.48 -13.31
C ASN B 123 -3.67 -30.98 -13.59
N VAL B 124 -3.12 -30.17 -12.67
CA VAL B 124 -3.05 -28.73 -12.86
C VAL B 124 -2.29 -28.38 -14.15
N VAL B 125 -1.12 -29.00 -14.32
CA VAL B 125 -0.22 -28.75 -15.44
C VAL B 125 -0.84 -29.12 -16.79
N LYS B 126 -1.54 -30.27 -16.84
CA LYS B 126 -2.26 -30.68 -18.04
C LYS B 126 -3.15 -29.54 -18.56
N TYR B 127 -3.93 -28.92 -17.66
CA TYR B 127 -5.00 -28.01 -18.04
C TYR B 127 -4.57 -26.55 -18.05
N SER B 128 -3.45 -26.21 -17.41
CA SER B 128 -2.93 -24.84 -17.39
C SER B 128 -1.41 -24.87 -17.49
N PRO B 129 -0.83 -25.26 -18.66
CA PRO B 129 0.61 -25.45 -18.79
C PRO B 129 1.45 -24.19 -18.60
N ASN B 130 0.82 -23.01 -18.73
CA ASN B 130 1.52 -21.73 -18.67
C ASN B 130 1.23 -21.00 -17.35
N CYS B 131 0.54 -21.64 -16.40
CA CYS B 131 0.16 -20.96 -15.18
C CYS B 131 1.40 -20.75 -14.29
N LYS B 132 1.24 -19.83 -13.33
CA LYS B 132 2.07 -19.75 -12.15
C LYS B 132 1.41 -20.61 -11.07
N LEU B 133 2.23 -21.37 -10.35
CA LEU B 133 1.83 -22.16 -9.20
C LEU B 133 2.20 -21.41 -7.93
N LEU B 134 1.22 -21.16 -7.05
CA LEU B 134 1.46 -20.56 -5.76
C LEU B 134 1.08 -21.62 -4.70
N ILE B 135 2.12 -22.07 -3.98
CA ILE B 135 2.00 -23.16 -3.01
C ILE B 135 1.83 -22.54 -1.63
N VAL B 136 0.74 -22.91 -0.97
CA VAL B 136 0.44 -22.44 0.37
C VAL B 136 0.55 -23.58 1.40
N SER B 137 0.16 -24.80 0.98
CA SER B 137 0.16 -26.00 1.82
C SER B 137 1.50 -26.18 2.55
N ASN B 138 1.42 -26.59 3.83
CA ASN B 138 2.58 -26.86 4.66
C ASN B 138 2.96 -28.34 4.64
N PRO B 139 4.25 -28.71 4.78
CA PRO B 139 5.36 -27.75 4.95
C PRO B 139 5.74 -27.02 3.65
N VAL B 140 5.61 -25.68 3.65
CA VAL B 140 5.40 -24.96 2.39
C VAL B 140 6.69 -24.95 1.57
N ASP B 141 7.84 -24.81 2.24
CA ASP B 141 9.13 -24.77 1.57
C ASP B 141 9.44 -26.11 0.87
N ILE B 142 9.21 -27.22 1.59
CA ILE B 142 9.35 -28.54 1.00
C ILE B 142 8.33 -28.77 -0.12
N LEU B 143 7.06 -28.45 0.11
CA LEU B 143 6.04 -28.73 -0.90
C LEU B 143 6.19 -27.83 -2.12
N THR B 144 6.83 -26.66 -1.99
CA THR B 144 7.13 -25.83 -3.16
C THR B 144 8.18 -26.51 -4.02
N TYR B 145 9.24 -27.05 -3.39
CA TYR B 145 10.23 -27.88 -4.08
C TYR B 145 9.55 -29.07 -4.79
N VAL B 146 8.62 -29.73 -4.09
CA VAL B 146 7.95 -30.89 -4.64
C VAL B 146 7.14 -30.48 -5.86
N ALA B 147 6.38 -29.38 -5.77
CA ALA B 147 5.57 -28.90 -6.87
C ALA B 147 6.45 -28.56 -8.08
N TRP B 148 7.62 -27.98 -7.82
CA TRP B 148 8.60 -27.65 -8.86
C TRP B 148 9.05 -28.92 -9.58
N LYS B 149 9.45 -29.92 -8.81
CA LYS B 149 9.95 -31.16 -9.39
C LYS B 149 8.86 -31.88 -10.15
N ILE B 150 7.64 -31.96 -9.62
CA ILE B 150 6.61 -32.71 -10.31
C ILE B 150 6.18 -31.96 -11.55
N SER B 151 5.99 -30.64 -11.46
CA SER B 151 5.40 -29.86 -12.56
C SER B 151 6.31 -29.83 -13.78
N GLY B 152 7.64 -29.79 -13.57
CA GLY B 152 8.62 -29.54 -14.61
C GLY B 152 8.69 -28.07 -15.03
N PHE B 153 7.99 -27.20 -14.28
CA PHE B 153 7.97 -25.78 -14.59
C PHE B 153 9.32 -25.15 -14.30
N PRO B 154 9.68 -24.06 -15.01
CA PRO B 154 10.87 -23.29 -14.65
C PRO B 154 10.58 -22.62 -13.30
N LYS B 155 11.65 -22.24 -12.60
CA LYS B 155 11.55 -21.88 -11.19
C LYS B 155 10.82 -20.55 -10.98
N ASN B 156 10.76 -19.71 -12.03
CA ASN B 156 10.07 -18.44 -11.94
C ASN B 156 8.57 -18.67 -11.74
N ARG B 157 7.94 -19.80 -12.12
CA ARG B 157 6.48 -20.10 -12.17
C ARG B 157 6.05 -21.03 -11.02
N VAL B 158 7.02 -21.24 -10.07
CA VAL B 158 6.67 -22.01 -8.89
C VAL B 158 7.13 -21.25 -7.64
N ILE B 159 6.13 -20.78 -6.89
CA ILE B 159 6.30 -19.77 -5.84
C ILE B 159 5.64 -20.32 -4.58
N GLY B 160 6.34 -20.27 -3.44
CA GLY B 160 5.77 -20.66 -2.16
C GLY B 160 5.41 -19.44 -1.34
N SER B 161 4.22 -19.43 -0.72
CA SER B 161 3.80 -18.26 0.05
C SER B 161 4.87 -17.90 1.10
N GLY B 162 5.55 -18.92 1.64
CA GLY B 162 6.77 -18.73 2.42
C GLY B 162 6.56 -17.79 3.61
N CYS B 163 7.41 -16.77 3.70
CA CYS B 163 7.45 -15.87 4.84
C CYS B 163 6.70 -14.58 4.56
N ASN B 164 5.82 -14.56 3.55
CA ASN B 164 5.00 -13.39 3.31
C ASN B 164 4.10 -13.14 4.52
N LEU B 165 3.48 -14.22 5.04
CA LEU B 165 2.64 -14.11 6.22
C LEU B 165 3.48 -13.82 7.47
N ASP B 166 4.63 -14.49 7.62
CA ASP B 166 5.48 -14.29 8.78
C ASP B 166 5.93 -12.82 8.87
N SER B 167 6.29 -12.24 7.71
CA SER B 167 6.70 -10.85 7.61
C SER B 167 5.53 -9.92 7.90
N ALA B 168 4.34 -10.26 7.41
CA ALA B 168 3.15 -9.48 7.77
C ALA B 168 2.89 -9.47 9.27
N ARG B 169 3.04 -10.63 9.95
CA ARG B 169 2.89 -10.68 11.41
C ARG B 169 3.94 -9.80 12.08
N PHE B 170 5.16 -9.81 11.54
CA PHE B 170 6.27 -9.08 12.13
C PHE B 170 5.97 -7.58 12.09
N ARG B 171 5.45 -7.12 10.95
CA ARG B 171 5.17 -5.71 10.75
C ARG B 171 3.96 -5.31 11.60
N TYR B 172 2.99 -6.22 11.74
CA TYR B 172 1.90 -6.04 12.69
C TYR B 172 2.42 -5.83 14.12
N LEU B 173 3.33 -6.70 14.60
CA LEU B 173 3.80 -6.66 15.97
C LEU B 173 4.66 -5.41 16.21
N MET B 174 5.51 -5.12 15.22
CA MET B 174 6.34 -3.94 15.23
C MET B 174 5.47 -2.69 15.30
N GLY B 175 4.38 -2.65 14.53
CA GLY B 175 3.46 -1.53 14.55
C GLY B 175 2.79 -1.32 15.91
N GLU B 176 2.41 -2.42 16.59
CA GLU B 176 1.81 -2.36 17.92
C GLU B 176 2.78 -1.70 18.89
N ARG B 177 4.05 -2.06 18.83
CA ARG B 177 5.08 -1.50 19.73
C ARG B 177 5.31 -0.01 19.43
N LEU B 178 5.20 0.41 18.16
CA LEU B 178 5.60 1.76 17.78
C LEU B 178 4.43 2.74 17.66
N GLY B 179 3.19 2.24 17.62
CA GLY B 179 2.02 3.07 17.40
C GLY B 179 1.94 3.59 15.95
N VAL B 180 2.41 2.76 14.99
CA VAL B 180 2.39 3.11 13.57
C VAL B 180 1.70 1.99 12.80
N HIS B 181 0.98 2.35 11.73
CA HIS B 181 0.41 1.33 10.85
C HIS B 181 1.48 0.38 10.30
N PRO B 182 1.20 -0.94 10.23
CA PRO B 182 2.15 -1.90 9.67
C PRO B 182 2.66 -1.56 8.27
N LEU B 183 1.84 -0.87 7.46
CA LEU B 183 2.28 -0.37 6.15
C LEU B 183 3.52 0.51 6.24
N SER B 184 3.62 1.33 7.30
CA SER B 184 4.74 2.24 7.51
C SER B 184 5.86 1.60 8.34
N CYS B 185 5.67 0.35 8.79
CA CYS B 185 6.68 -0.39 9.54
C CYS B 185 7.34 -1.45 8.66
N HIS B 186 8.66 -1.34 8.45
CA HIS B 186 9.32 -2.20 7.49
C HIS B 186 10.24 -3.20 8.19
N GLY B 187 10.14 -4.46 7.82
CA GLY B 187 10.97 -5.53 8.36
C GLY B 187 10.70 -6.86 7.68
N TRP B 188 11.76 -7.65 7.51
CA TRP B 188 11.77 -8.85 6.68
C TRP B 188 12.12 -10.07 7.52
N VAL B 189 11.27 -11.10 7.36
CA VAL B 189 11.50 -12.43 7.89
C VAL B 189 11.71 -13.33 6.68
N LEU B 190 12.86 -14.03 6.67
CA LEU B 190 13.35 -14.76 5.52
C LEU B 190 13.61 -16.21 5.93
N GLY B 191 13.97 -17.07 4.97
CA GLY B 191 14.25 -18.47 5.25
C GLY B 191 12.97 -19.34 5.24
N GLU B 192 12.87 -20.23 6.25
CA GLU B 192 11.73 -21.14 6.37
C GLU B 192 10.53 -20.43 7.00
N HIS B 193 9.35 -20.66 6.44
CA HIS B 193 8.09 -20.39 7.12
C HIS B 193 8.12 -21.06 8.50
N GLY B 194 7.70 -20.29 9.52
CA GLY B 194 7.43 -20.85 10.84
C GLY B 194 8.61 -20.73 11.80
N ASP B 195 8.93 -21.84 12.47
CA ASP B 195 9.80 -21.83 13.65
C ASP B 195 11.19 -21.34 13.33
N SER B 196 11.72 -21.72 12.16
CA SER B 196 13.12 -21.51 11.89
C SER B 196 13.34 -20.20 11.11
N SER B 197 12.28 -19.36 11.00
CA SER B 197 12.32 -18.13 10.22
C SER B 197 13.38 -17.18 10.79
N VAL B 198 13.95 -16.34 9.90
CA VAL B 198 15.06 -15.47 10.26
C VAL B 198 14.63 -14.00 10.14
N PRO B 199 14.53 -13.26 11.26
CA PRO B 199 14.27 -11.83 11.20
C PRO B 199 15.56 -11.09 10.85
N VAL B 200 15.52 -10.24 9.82
CA VAL B 200 16.70 -9.50 9.39
C VAL B 200 16.66 -8.13 10.04
N TRP B 201 17.32 -8.03 11.21
CA TRP B 201 17.24 -6.88 12.11
C TRP B 201 17.70 -5.60 11.41
N SER B 202 18.70 -5.75 10.51
CA SER B 202 19.37 -4.62 9.88
C SER B 202 18.44 -3.83 8.95
N GLY B 203 17.40 -4.48 8.39
CA GLY B 203 16.44 -3.85 7.49
C GLY B 203 15.21 -3.27 8.21
N MET B 204 15.14 -3.45 9.52
CA MET B 204 14.00 -2.98 10.28
C MET B 204 14.07 -1.46 10.36
N ASN B 205 13.01 -0.80 9.87
CA ASN B 205 13.02 0.65 9.80
C ASN B 205 11.61 1.21 9.73
N VAL B 206 11.52 2.49 10.12
CA VAL B 206 10.39 3.35 9.84
C VAL B 206 10.98 4.60 9.17
N ALA B 207 10.36 5.01 8.05
CA ALA B 207 10.74 6.23 7.35
C ALA B 207 12.24 6.22 7.00
N GLY B 208 12.77 5.04 6.68
CA GLY B 208 14.16 4.88 6.30
C GLY B 208 15.12 4.91 7.48
N VAL B 209 14.59 4.97 8.72
CA VAL B 209 15.46 5.06 9.89
C VAL B 209 15.71 3.66 10.44
N SER B 210 16.96 3.20 10.33
CA SER B 210 17.38 1.90 10.85
C SER B 210 17.22 1.85 12.37
N LEU B 211 16.39 0.92 12.85
CA LEU B 211 16.22 0.70 14.28
C LEU B 211 17.52 0.16 14.89
N LYS B 212 18.23 -0.68 14.14
CA LYS B 212 19.49 -1.27 14.56
C LYS B 212 20.56 -0.20 14.84
N THR B 213 20.58 0.89 14.04
CA THR B 213 21.56 1.95 14.22
C THR B 213 21.20 2.85 15.40
N LEU B 214 19.89 3.11 15.59
CA LEU B 214 19.39 3.80 16.78
C LEU B 214 19.63 2.98 18.06
N HIS B 215 19.45 1.65 17.94
CA HIS B 215 19.43 0.76 19.09
C HIS B 215 20.30 -0.47 18.78
N PRO B 216 21.65 -0.37 18.91
CA PRO B 216 22.54 -1.48 18.54
C PRO B 216 22.30 -2.86 19.16
N ASP B 217 21.59 -2.91 20.31
CA ASP B 217 21.25 -4.17 20.97
C ASP B 217 20.07 -4.89 20.30
N LEU B 218 19.40 -4.22 19.34
CA LEU B 218 18.28 -4.80 18.60
C LEU B 218 18.67 -6.17 18.04
N GLY B 219 17.91 -7.19 18.44
CA GLY B 219 18.10 -8.56 17.96
C GLY B 219 19.00 -9.41 18.86
N THR B 220 19.56 -8.83 19.93
CA THR B 220 20.48 -9.55 20.81
C THR B 220 19.74 -9.97 22.09
N ASP B 221 20.35 -10.90 22.84
CA ASP B 221 19.89 -11.34 24.15
C ASP B 221 20.04 -10.24 25.19
N LYS B 222 21.06 -9.36 25.04
CA LYS B 222 21.35 -8.27 25.96
C LYS B 222 20.28 -7.16 25.99
N ASP B 223 19.51 -7.00 24.90
CA ASP B 223 18.53 -5.95 24.73
C ASP B 223 17.62 -5.78 25.97
N LYS B 224 17.70 -4.61 26.63
CA LYS B 224 16.79 -4.22 27.70
C LYS B 224 15.33 -4.32 27.26
N GLU B 225 15.06 -3.99 25.98
CA GLU B 225 13.70 -3.89 25.47
C GLU B 225 13.24 -5.21 24.83
N GLN B 226 14.15 -6.19 24.71
CA GLN B 226 13.82 -7.53 24.26
C GLN B 226 13.06 -7.49 22.91
N TRP B 227 13.66 -6.86 21.90
CA TRP B 227 13.07 -6.81 20.57
C TRP B 227 13.10 -8.17 19.86
N LYS B 228 13.92 -9.12 20.34
CA LYS B 228 13.89 -10.52 19.87
C LYS B 228 12.51 -11.15 20.07
N GLU B 229 11.84 -10.74 21.16
CA GLU B 229 10.50 -11.16 21.52
C GLU B 229 9.50 -10.91 20.38
N VAL B 230 9.73 -9.87 19.58
CA VAL B 230 8.87 -9.59 18.43
C VAL B 230 8.91 -10.78 17.47
N HIS B 231 10.11 -11.23 17.07
CA HIS B 231 10.25 -12.43 16.23
C HIS B 231 9.73 -13.70 16.93
N LYS B 232 10.01 -13.86 18.21
CA LYS B 232 9.51 -15.00 18.96
C LYS B 232 7.98 -15.02 18.86
N GLN B 233 7.35 -13.84 18.96
CA GLN B 233 5.91 -13.74 18.86
C GLN B 233 5.43 -13.99 17.43
N VAL B 234 6.26 -13.72 16.41
CA VAL B 234 5.87 -14.08 15.05
C VAL B 234 5.61 -15.58 14.98
N VAL B 235 6.41 -16.36 15.70
CA VAL B 235 6.30 -17.81 15.73
C VAL B 235 5.16 -18.22 16.66
N GLU B 236 5.18 -17.72 17.90
CA GLU B 236 4.25 -18.17 18.93
C GLU B 236 2.81 -17.72 18.63
N SER B 237 2.64 -16.56 17.97
CA SER B 237 1.31 -16.03 17.67
C SER B 237 0.55 -16.98 16.74
N ALA B 238 1.27 -17.63 15.83
CA ALA B 238 0.65 -18.64 14.98
C ALA B 238 0.20 -19.84 15.83
N TYR B 239 1.06 -20.32 16.73
CA TYR B 239 0.68 -21.41 17.62
C TYR B 239 -0.50 -20.99 18.49
N GLU B 240 -0.51 -19.73 18.90
CA GLU B 240 -1.55 -19.21 19.75
C GLU B 240 -2.91 -19.23 19.03
N VAL B 241 -2.94 -18.79 17.77
CA VAL B 241 -4.18 -18.75 17.00
C VAL B 241 -4.67 -20.18 16.79
N ILE B 242 -3.74 -21.11 16.49
CA ILE B 242 -4.12 -22.50 16.28
C ILE B 242 -4.74 -23.09 17.55
N LYS B 243 -4.16 -22.79 18.72
CA LYS B 243 -4.70 -23.24 20.00
C LYS B 243 -6.09 -22.64 20.25
N LEU B 244 -6.25 -21.32 20.02
CA LEU B 244 -7.49 -20.62 20.35
C LEU B 244 -8.65 -20.97 19.42
N LYS B 245 -8.44 -21.02 18.10
CA LYS B 245 -9.57 -21.24 17.21
C LYS B 245 -9.41 -22.53 16.42
N GLY B 246 -8.27 -23.23 16.55
CA GLY B 246 -8.11 -24.55 15.94
C GLY B 246 -7.24 -24.55 14.67
N TYR B 247 -7.04 -23.36 14.06
CA TYR B 247 -6.38 -23.21 12.76
C TYR B 247 -6.17 -21.70 12.53
N THR B 248 -5.41 -21.32 11.48
CA THR B 248 -5.36 -19.95 10.99
C THR B 248 -5.88 -19.89 9.54
N SER B 249 -6.54 -18.78 9.17
CA SER B 249 -7.14 -18.69 7.84
C SER B 249 -7.16 -17.27 7.27
N TRP B 250 -7.58 -16.29 8.05
CA TRP B 250 -7.84 -14.95 7.54
C TRP B 250 -6.55 -14.27 7.07
N ALA B 251 -5.50 -14.31 7.91
CA ALA B 251 -4.23 -13.64 7.63
C ALA B 251 -3.57 -14.24 6.40
N ILE B 252 -3.54 -15.57 6.33
CA ILE B 252 -2.94 -16.23 5.19
C ILE B 252 -3.76 -15.91 3.93
N GLY B 253 -5.09 -15.91 4.05
CA GLY B 253 -5.94 -15.60 2.91
C GLY B 253 -5.62 -14.23 2.33
N LEU B 254 -5.45 -13.22 3.21
CA LEU B 254 -5.16 -11.86 2.79
C LEU B 254 -3.75 -11.77 2.19
N SER B 255 -2.81 -12.50 2.79
CA SER B 255 -1.43 -12.47 2.30
C SER B 255 -1.37 -13.08 0.90
N VAL B 256 -2.11 -14.17 0.65
CA VAL B 256 -2.13 -14.85 -0.63
C VAL B 256 -2.78 -13.96 -1.71
N ALA B 257 -3.86 -13.26 -1.35
CA ALA B 257 -4.52 -12.30 -2.22
C ALA B 257 -3.54 -11.18 -2.63
N ASP B 258 -2.64 -10.78 -1.70
CA ASP B 258 -1.63 -9.76 -1.93
C ASP B 258 -0.61 -10.22 -2.99
N LEU B 259 -0.11 -11.45 -2.84
CA LEU B 259 0.80 -12.05 -3.81
C LEU B 259 0.09 -12.20 -5.15
N ALA B 260 -1.16 -12.65 -5.12
CA ALA B 260 -1.97 -12.81 -6.32
C ALA B 260 -2.14 -11.47 -7.05
N GLU B 261 -2.34 -10.37 -6.29
CA GLU B 261 -2.48 -9.06 -6.88
C GLU B 261 -1.22 -8.70 -7.69
N SER B 262 -0.03 -8.97 -7.12
CA SER B 262 1.23 -8.61 -7.76
C SER B 262 1.41 -9.37 -9.06
N ILE B 263 1.01 -10.66 -9.05
CA ILE B 263 1.17 -11.55 -10.17
C ILE B 263 0.17 -11.16 -11.28
N MET B 264 -1.11 -11.03 -10.91
CA MET B 264 -2.19 -10.86 -11.87
C MET B 264 -2.09 -9.49 -12.53
N LYS B 265 -1.62 -8.48 -11.78
CA LYS B 265 -1.52 -7.12 -12.30
C LYS B 265 -0.09 -6.75 -12.68
N ASN B 266 0.84 -7.70 -12.59
CA ASN B 266 2.22 -7.52 -13.03
C ASN B 266 2.85 -6.31 -12.34
N LEU B 267 2.74 -6.23 -11.02
CA LEU B 267 3.08 -5.00 -10.32
C LEU B 267 4.58 -4.86 -10.15
N ARG B 268 5.30 -5.98 -10.13
CA ARG B 268 6.73 -6.01 -9.83
C ARG B 268 6.98 -5.43 -8.45
N ARG B 269 6.12 -5.78 -7.48
CA ARG B 269 6.41 -5.53 -6.07
C ARG B 269 7.31 -6.62 -5.52
N VAL B 270 7.93 -6.32 -4.37
CA VAL B 270 8.85 -7.23 -3.73
C VAL B 270 8.17 -7.89 -2.52
N HIS B 271 8.21 -9.23 -2.49
CA HIS B 271 7.59 -9.97 -1.40
C HIS B 271 8.55 -11.06 -0.93
N PRO B 272 8.56 -11.40 0.39
CA PRO B 272 9.35 -12.54 0.86
C PRO B 272 8.64 -13.88 0.64
N VAL B 273 8.97 -14.53 -0.48
CA VAL B 273 8.32 -15.77 -0.89
C VAL B 273 9.40 -16.82 -1.07
N SER B 274 8.96 -18.07 -1.13
CA SER B 274 9.83 -19.23 -1.19
C SER B 274 10.23 -19.50 -2.64
N THR B 275 11.54 -19.45 -2.91
CA THR B 275 12.04 -19.61 -4.25
C THR B 275 13.24 -20.57 -4.22
N MET B 276 13.51 -21.18 -5.38
CA MET B 276 14.66 -22.07 -5.54
C MET B 276 15.96 -21.31 -5.39
N ILE B 277 16.61 -21.48 -4.22
CA ILE B 277 17.67 -20.58 -3.75
C ILE B 277 19.09 -21.15 -3.97
N LYS B 278 19.22 -22.31 -4.64
CA LYS B 278 20.54 -22.88 -4.92
C LYS B 278 21.41 -21.88 -5.67
N GLY B 279 22.64 -21.70 -5.17
CA GLY B 279 23.63 -20.86 -5.84
C GLY B 279 23.68 -19.45 -5.28
N LEU B 280 22.82 -19.16 -4.29
CA LEU B 280 22.73 -17.83 -3.70
C LEU B 280 22.78 -18.02 -2.20
N TYR B 281 23.12 -16.93 -1.50
CA TYR B 281 23.23 -16.87 -0.04
C TYR B 281 24.05 -18.04 0.50
N GLY B 282 24.96 -18.58 -0.31
CA GLY B 282 25.87 -19.65 0.11
C GLY B 282 25.28 -21.07 0.03
N ILE B 283 24.07 -21.22 -0.52
CA ILE B 283 23.36 -22.51 -0.50
C ILE B 283 23.75 -23.34 -1.72
N LYS B 284 23.95 -24.65 -1.52
CA LYS B 284 24.50 -25.50 -2.57
C LYS B 284 23.55 -26.64 -2.97
N ASP B 285 22.40 -26.77 -2.30
CA ASP B 285 21.43 -27.81 -2.62
C ASP B 285 20.16 -27.19 -3.21
N ASP B 286 19.40 -28.03 -3.94
CA ASP B 286 18.11 -27.66 -4.52
C ASP B 286 17.04 -27.56 -3.44
N VAL B 287 16.89 -26.37 -2.85
CA VAL B 287 15.90 -26.14 -1.81
C VAL B 287 15.25 -24.78 -2.05
N PHE B 288 14.05 -24.62 -1.46
CA PHE B 288 13.27 -23.40 -1.52
C PHE B 288 13.27 -22.75 -0.15
N LEU B 289 13.62 -21.47 -0.12
CA LEU B 289 13.60 -20.63 1.07
C LEU B 289 13.09 -19.25 0.66
N SER B 290 12.54 -18.51 1.64
CA SER B 290 12.04 -17.18 1.38
C SER B 290 13.18 -16.16 1.34
N VAL B 291 13.22 -15.43 0.22
CA VAL B 291 13.96 -14.19 0.10
C VAL B 291 13.07 -13.18 -0.62
N PRO B 292 13.42 -11.88 -0.61
CA PRO B 292 12.59 -10.86 -1.24
C PRO B 292 12.62 -11.06 -2.76
N CYS B 293 11.46 -11.33 -3.35
CA CYS B 293 11.35 -11.60 -4.76
C CYS B 293 10.47 -10.56 -5.45
N ILE B 294 10.85 -10.20 -6.68
CA ILE B 294 10.03 -9.34 -7.51
C ILE B 294 9.00 -10.20 -8.22
N LEU B 295 7.71 -9.90 -7.96
CA LEU B 295 6.59 -10.69 -8.44
C LEU B 295 5.83 -9.92 -9.52
N GLY B 296 5.55 -10.61 -10.63
CA GLY B 296 4.66 -10.12 -11.66
C GLY B 296 4.10 -11.27 -12.51
N GLN B 297 3.82 -10.96 -13.77
CA GLN B 297 3.02 -11.82 -14.62
C GLN B 297 3.76 -13.09 -15.01
N ASN B 298 5.09 -13.11 -14.92
CA ASN B 298 5.86 -14.33 -15.21
C ASN B 298 6.37 -14.98 -13.91
N GLY B 299 5.72 -14.68 -12.77
CA GLY B 299 6.12 -15.17 -11.47
C GLY B 299 7.28 -14.38 -10.89
N ILE B 300 8.32 -15.10 -10.44
CA ILE B 300 9.52 -14.50 -9.87
C ILE B 300 10.50 -14.19 -11.00
N SER B 301 10.66 -12.92 -11.38
CA SER B 301 11.58 -12.50 -12.45
C SER B 301 12.98 -12.16 -11.92
N ASP B 302 13.06 -11.82 -10.63
CA ASP B 302 14.24 -11.24 -10.04
C ASP B 302 14.17 -11.48 -8.54
N LEU B 303 15.30 -11.46 -7.87
CA LEU B 303 15.24 -11.43 -6.42
C LEU B 303 16.29 -10.46 -5.87
N VAL B 304 15.96 -9.94 -4.68
CA VAL B 304 16.83 -9.04 -3.96
C VAL B 304 17.85 -9.87 -3.18
N LYS B 305 19.11 -9.46 -3.28
CA LYS B 305 20.23 -10.03 -2.53
C LYS B 305 20.44 -9.21 -1.26
N VAL B 306 19.84 -9.70 -0.17
CA VAL B 306 19.94 -9.09 1.14
C VAL B 306 21.31 -9.42 1.73
N THR B 307 21.94 -8.42 2.33
CA THR B 307 23.21 -8.61 3.01
C THR B 307 22.92 -9.15 4.41
N LEU B 308 23.42 -10.36 4.68
CA LEU B 308 23.15 -11.04 5.94
C LEU B 308 24.40 -11.01 6.80
N THR B 309 24.22 -10.98 8.12
CA THR B 309 25.30 -11.28 9.06
C THR B 309 25.71 -12.74 8.88
N SER B 310 26.91 -13.08 9.37
CA SER B 310 27.41 -14.44 9.38
C SER B 310 26.42 -15.38 10.07
N GLU B 311 25.84 -14.91 11.17
CA GLU B 311 24.88 -15.67 11.95
C GLU B 311 23.59 -15.92 11.15
N GLU B 312 23.08 -14.87 10.48
CA GLU B 312 21.88 -14.99 9.67
C GLU B 312 22.12 -16.02 8.56
N GLU B 313 23.28 -15.93 7.88
CA GLU B 313 23.64 -16.81 6.79
C GLU B 313 23.74 -18.26 7.29
N ALA B 314 24.35 -18.45 8.47
CA ALA B 314 24.51 -19.79 9.00
C ALA B 314 23.13 -20.43 9.25
N ARG B 315 22.20 -19.63 9.79
CA ARG B 315 20.83 -20.09 10.03
C ARG B 315 20.17 -20.53 8.71
N LEU B 316 20.38 -19.79 7.60
CA LEU B 316 19.83 -20.19 6.32
C LEU B 316 20.42 -21.51 5.84
N LYS B 317 21.75 -21.66 5.94
CA LYS B 317 22.45 -22.87 5.49
C LYS B 317 21.99 -24.06 6.33
N LYS B 318 21.86 -23.86 7.64
CA LYS B 318 21.31 -24.90 8.49
C LYS B 318 19.93 -25.34 7.98
N SER B 319 19.05 -24.37 7.71
CA SER B 319 17.73 -24.63 7.13
C SER B 319 17.86 -25.42 5.82
N ALA B 320 18.73 -24.98 4.93
CA ALA B 320 18.91 -25.65 3.65
C ALA B 320 19.35 -27.10 3.86
N ASP B 321 20.23 -27.36 4.84
CA ASP B 321 20.69 -28.72 5.11
C ASP B 321 19.55 -29.57 5.63
N THR B 322 18.73 -28.99 6.52
CA THR B 322 17.56 -29.68 7.04
C THR B 322 16.61 -30.05 5.90
N LEU B 323 16.33 -29.10 4.99
CA LEU B 323 15.38 -29.31 3.91
C LEU B 323 15.92 -30.37 2.93
N TRP B 324 17.23 -30.31 2.64
CA TRP B 324 17.81 -31.29 1.74
C TRP B 324 17.68 -32.69 2.34
N GLY B 325 17.95 -32.81 3.64
CA GLY B 325 17.85 -34.08 4.35
C GLY B 325 16.44 -34.66 4.30
N ILE B 326 15.44 -33.82 4.57
CA ILE B 326 14.05 -34.23 4.51
C ILE B 326 13.69 -34.58 3.08
N GLN B 327 14.13 -33.76 2.10
CA GLN B 327 13.79 -34.01 0.71
C GLN B 327 14.27 -35.37 0.22
N LYS B 328 15.46 -35.82 0.66
CA LYS B 328 15.98 -37.09 0.14
C LYS B 328 15.32 -38.29 0.85
N GLU B 329 14.84 -38.13 2.09
CA GLU B 329 14.10 -39.21 2.76
C GLU B 329 12.61 -39.23 2.37
N LEU B 330 12.20 -38.37 1.43
CA LEU B 330 10.84 -38.41 0.88
C LEU B 330 10.85 -39.17 -0.45
N GLN B 331 9.65 -39.60 -0.83
CA GLN B 331 9.40 -40.64 -1.82
C GLN B 331 8.71 -40.01 -3.04
N PHE B 332 9.45 -39.98 -4.18
CA PHE B 332 8.89 -39.71 -5.51
C PHE B 332 9.99 -39.91 -6.55
PA NAI C . -5.93 27.58 -10.82
O1A NAI C . -6.45 26.90 -12.08
O2A NAI C . -5.51 29.05 -10.86
O5B NAI C . -7.09 27.29 -9.67
C5B NAI C . -7.16 28.12 -8.51
C4B NAI C . -8.48 28.39 -8.17
O4B NAI C . -8.39 29.26 -6.91
C3B NAI C . -9.30 29.33 -9.20
O3B NAI C . -10.52 28.63 -9.66
C2B NAI C . -9.52 30.43 -8.55
O2B NAI C . -10.78 31.16 -8.78
C1B NAI C . -9.51 29.95 -6.96
N9A NAI C . -9.56 31.08 -6.07
C8A NAI C . -8.85 32.21 -6.12
N7A NAI C . -9.16 32.97 -5.09
C5A NAI C . -10.07 32.33 -4.33
C6A NAI C . -10.81 32.63 -3.17
N6A NAI C . -10.69 33.85 -2.41
N1A NAI C . -11.66 31.73 -2.76
C2A NAI C . -11.84 30.55 -3.37
N3A NAI C . -11.18 30.24 -4.48
C4A NAI C . -10.30 31.12 -4.95
O3 NAI C . -4.52 26.93 -10.24
PN NAI C . -4.23 25.33 -10.06
O1N NAI C . -5.51 24.53 -9.96
O2N NAI C . -3.28 24.90 -11.18
O5D NAI C . -3.35 25.28 -8.67
C5D NAI C . -3.87 25.76 -7.40
C4D NAI C . -2.68 25.95 -6.49
O4D NAI C . -2.15 24.46 -6.30
C3D NAI C . -1.64 26.68 -6.95
O3D NAI C . -1.11 27.61 -5.90
C2D NAI C . -0.55 25.66 -7.37
O2D NAI C . 0.76 26.10 -7.36
C1D NAI C . -0.85 24.63 -6.26
N1N NAI C . -0.19 23.33 -6.51
C2N NAI C . 0.41 22.70 -5.37
C3N NAI C . 1.21 21.44 -5.50
C7N NAI C . 1.90 20.83 -4.26
O7N NAI C . 2.63 19.88 -4.42
N7N NAI C . 1.56 21.41 -2.96
C4N NAI C . 1.28 20.74 -6.85
C5N NAI C . 0.81 21.63 -7.99
C6N NAI C . -0.22 22.67 -7.77
C10 YBO D . 6.72 26.47 -6.49
C13 YBO D . 8.37 23.97 -8.21
C15 YBO D . 7.87 23.09 -9.35
C17 YBO D . 4.58 24.09 -7.98
C20 YBO D . 4.27 20.47 -8.53
C26 YBO D . 5.53 27.19 -6.75
C28 YBO D . 3.93 28.90 -7.07
N01 YBO D . 8.95 26.20 0.78
S02 YBO D . 7.98 27.40 0.13
O03 YBO D . 6.56 27.30 0.56
O04 YBO D . 8.57 28.65 0.56
C05 YBO D . 8.00 27.26 -1.68
C06 YBO D . 8.64 28.23 -2.40
C07 YBO D . 8.68 28.09 -3.79
C08 YBO D . 8.05 27.02 -4.40
C09 YBO D . 8.09 26.94 -5.93
C11 YBO D . 6.49 25.20 -6.98
C12 YBO D . 7.51 24.05 -6.93
C14 YBO D . 8.87 22.54 -8.33
N16 YBO D . 5.22 25.13 -7.40
N18 YBO D . 4.80 22.77 -7.84
C19 YBO D . 4.08 21.97 -8.60
O21 YBO D . 3.51 19.77 -9.30
O22 YBO D . 5.19 20.00 -7.74
C23 YBO D . 3.21 22.58 -9.45
S24 YBO D . 3.39 24.29 -9.24
N25 YBO D . 4.63 26.35 -7.25
C27 YBO D . 5.12 28.51 -6.48
C29 YBO D . 3.42 30.15 -6.80
C30 YBO D . 4.10 31.01 -5.93
F31 YBO D . 3.56 32.28 -5.71
C32 YBO D . 5.27 30.61 -5.32
C33 YBO D . 5.79 29.36 -5.60
C34 YBO D . 7.41 26.06 -3.66
C35 YBO D . 7.39 26.20 -2.30
F36 YBO D . 6.76 25.26 -1.57
C1 EDO E . 7.19 27.39 -10.48
O1 EDO E . 7.20 28.78 -10.25
C2 EDO E . 5.82 26.90 -10.34
O2 EDO E . 5.07 27.24 -11.47
C1 EDO F . -28.65 19.84 -10.16
O1 EDO F . -27.34 19.59 -10.65
C2 EDO F . -28.73 19.81 -8.68
O2 EDO F . -29.69 18.90 -8.20
C1 EDO G . -21.01 24.68 14.15
O1 EDO G . -20.05 24.71 15.19
C2 EDO G . -20.69 25.62 13.05
O2 EDO G . -21.21 25.21 11.80
C1 EDO H . 21.73 -2.28 5.77
O1 EDO H . 20.55 -1.59 6.11
C2 EDO H . 21.43 -3.48 4.97
O2 EDO H . 22.35 -3.71 3.91
C1 EDO I . -8.25 18.55 -13.80
O1 EDO I . -8.75 18.98 -12.57
C2 EDO I . -6.93 17.93 -13.62
O2 EDO I . -6.12 18.11 -14.74
C1 EDO J . -13.79 11.24 10.42
O1 EDO J . -14.01 10.51 9.21
C2 EDO J . -12.39 11.27 10.91
O2 EDO J . -11.77 12.55 10.79
C1 EDO K . 17.74 0.28 6.34
O1 EDO K . 17.25 -0.06 7.63
C2 EDO K . 17.68 1.75 6.07
O2 EDO K . 18.14 2.14 4.77
C1 EDO L . -26.90 16.50 -3.87
O1 EDO L . -26.31 17.78 -3.60
C2 EDO L . -26.35 15.77 -5.04
O2 EDO L . -25.16 14.98 -4.81
C1 EDO M . 15.59 28.44 12.33
O1 EDO M . 15.20 29.40 11.28
C2 EDO M . 16.79 27.51 12.15
O2 EDO M . 18.06 27.97 12.70
C1 EDO N . 14.96 15.66 15.61
O1 EDO N . 15.08 16.78 16.48
C2 EDO N . 15.90 14.56 15.92
O2 EDO N . 16.45 13.95 14.74
C1 EDO O . -0.87 30.93 16.26
O1 EDO O . 0.34 31.53 16.67
C2 EDO O . -2.06 31.81 16.44
O2 EDO O . -1.86 33.13 16.00
PA NAI P . -8.00 -28.20 5.68
O1A NAI P . -7.56 -29.60 6.08
O2A NAI P . -9.22 -27.56 6.40
O5B NAI P . -8.28 -28.22 4.07
C5B NAI P . -7.48 -29.00 3.15
C4B NAI P . -8.33 -29.28 2.10
O4B NAI P . -7.52 -30.02 1.08
C3B NAI P . -9.55 -30.29 2.45
O3B NAI P . -10.82 -29.56 2.09
C2B NAI P . -9.22 -31.38 1.81
O2B NAI P . -10.24 -32.18 1.15
C1B NAI P . -8.30 -30.87 0.52
N9A NAI P . -7.61 -31.95 -0.10
C8A NAI P . -6.98 -33.01 0.42
N7A NAI P . -6.48 -33.77 -0.54
C5A NAI P . -6.81 -33.21 -1.73
C6A NAI P . -6.61 -33.48 -3.08
N6A NAI P . -5.90 -34.63 -3.55
N1A NAI P . -7.07 -32.62 -3.99
C2A NAI P . -7.74 -31.52 -3.67
N3A NAI P . -7.98 -31.23 -2.40
C4A NAI P . -7.51 -32.05 -1.44
O3 NAI P . -6.65 -27.30 6.04
PN NAI P . -6.48 -25.67 6.12
O1N NAI P . -6.50 -25.12 7.53
O2N NAI P . -7.54 -25.10 5.18
O5D NAI P . -4.92 -25.50 5.51
C5D NAI P . -4.51 -26.00 4.21
C4D NAI P . -3.02 -26.01 4.28
O4D NAI P . -2.63 -24.47 4.40
C3D NAI P . -2.48 -26.65 5.35
O3D NAI P . -1.31 -27.50 4.92
C2D NAI P . -1.96 -25.58 6.33
O2D NAI P . -0.83 -25.89 7.09
C1D NAI P . -1.61 -24.52 5.22
N1N NAI P . -1.33 -23.20 5.80
C2N NAI P . -0.32 -22.41 5.12
C3N NAI P . 0.21 -21.20 5.87
C7N NAI P . 1.39 -20.44 5.24
O7N NAI P . 1.70 -19.34 5.63
N7N NAI P . 2.09 -21.06 4.18
C4N NAI P . -0.64 -20.50 6.91
C5N NAI P . -1.92 -21.26 7.27
C6N NAI P . -2.10 -22.70 6.90
C10 YBO Q . 4.22 -25.84 10.21
C13 YBO Q . 4.05 -23.45 12.54
C15 YBO Q . 4.51 -22.13 13.20
C17 YBO Q . 1.47 -23.66 10.00
C20 YBO Q . 0.55 -20.09 10.07
C26 YBO Q . 3.22 -26.61 9.60
C28 YBO Q . 4.39 -28.70 8.93
N01 YBO Q . 10.60 -25.05 5.90
S02 YBO Q . 9.51 -26.36 5.88
O03 YBO Q . 8.73 -26.50 4.63
O04 YBO Q . 10.31 -27.55 6.01
C05 YBO Q . 8.35 -26.32 7.27
C06 YBO Q . 8.53 -27.24 8.31
C07 YBO Q . 7.67 -27.19 9.40
C08 YBO Q . 6.66 -26.22 9.42
C09 YBO Q . 5.68 -26.18 10.62
C11 YBO Q . 3.63 -24.62 10.41
C12 YBO Q . 4.34 -23.43 11.06
C14 YBO Q . 3.01 -22.48 13.04
N16 YBO Q . 2.38 -24.64 9.93
N18 YBO Q . 1.69 -22.33 9.92
C19 YBO Q . 0.58 -21.61 10.09
O21 YBO Q . 1.64 -19.49 10.03
O22 YBO Q . -0.55 -19.50 10.19
C23 YBO Q . -0.62 -22.31 10.34
S24 YBO Q . -0.22 -24.00 10.34
N25 YBO Q . 2.13 -25.88 9.48
C27 YBO Q . 3.23 -27.96 9.14
C29 YBO Q . 4.35 -30.01 8.45
C30 YBO Q . 3.12 -30.53 8.17
F31 YBO Q . 2.99 -31.79 7.67
C32 YBO Q . 1.94 -29.80 8.37
C33 YBO Q . 1.98 -28.52 8.87
C34 YBO Q . 6.50 -25.32 8.35
C35 YBO Q . 7.36 -25.37 7.28
F36 YBO Q . 7.22 -24.50 6.27
C1 PEG R . -5.54 -16.50 26.34
O1 PEG R . -4.38 -16.85 25.60
C2 PEG R . -6.46 -17.69 26.53
O2 PEG R . -7.77 -17.38 26.07
C3 PEG R . -8.59 -16.72 27.03
C4 PEG R . -9.34 -15.59 26.39
O4 PEG R . -9.47 -14.46 27.25
C1 EDO S . -12.15 -18.62 7.48
O1 EDO S . -12.06 -19.41 8.65
C2 EDO S . -11.66 -19.29 6.25
O2 EDO S . -12.63 -19.91 5.42
C1 EDO T . -16.00 -6.67 -5.01
O1 EDO T . -16.49 -6.13 -6.21
C2 EDO T . -16.70 -6.17 -3.80
O2 EDO T . -15.84 -5.57 -2.84
C1 EDO U . 4.89 -8.76 3.18
O1 EDO U . 3.72 -9.35 3.70
C2 EDO U . 5.46 -7.75 4.09
O2 EDO U . 6.80 -7.52 3.77
C1 EDO V . -25.67 -11.18 -35.39
O1 EDO V . -24.29 -10.96 -35.14
C2 EDO V . -25.99 -12.62 -35.26
O2 EDO V . -27.34 -12.85 -34.96
C1 EDO W . 2.34 -27.38 13.70
O1 EDO W . 1.85 -26.40 14.58
C2 EDO W . 1.30 -27.72 12.71
O2 EDO W . 0.12 -27.04 13.05
C1 EDO X . -21.10 -17.82 -11.43
O1 EDO X . -21.70 -16.63 -10.92
C2 EDO X . -22.02 -18.76 -12.15
O2 EDO X . -21.36 -19.80 -12.86
#